data_3DA7
#
_entry.id   3DA7
#
_cell.length_a   38.879
_cell.length_b   80.237
_cell.length_c   81.922
_cell.angle_alpha   88.100
_cell.angle_beta   76.980
_cell.angle_gamma   79.470
#
_symmetry.space_group_name_H-M   'P 1'
#
loop_
_entity.id
_entity.type
_entity.pdbx_description
1 polymer 'Barnase circular permutant'
2 polymer Barstar
3 water water
#
loop_
_entity_poly.entity_id
_entity_poly.type
_entity_poly.pdbx_seq_one_letter_code
_entity_poly.pdbx_strand_id
1 'polypeptide(L)'
;SGRTWREADINYTSGFRNSDRILYSSDWLIYKTTDHYQTFTKIRCAQVINTFDGVADYLQTYHKLPDNYITKSEAQALGW
VASKGNLADVAPGKSIGGDIFSNREGKLPGK
;
A,B,E,G
2 'polypeptide(L)'
;MKKAVINGEQIRSISDLHQTLKKELALPEYYGENLDALWDCLTGWVEYPLVLEWRQFEQSKQLTENGAESVLQVFREAKA
EGCDITIILS
;
C,D,F,H
#
# COMPACT_ATOMS: atom_id res chain seq x y z
N ARG A 3 -47.48 9.49 -9.70
CA ARG A 3 -48.14 8.75 -8.59
C ARG A 3 -47.19 8.42 -7.45
N THR A 4 -47.60 8.75 -6.23
CA THR A 4 -46.89 8.36 -5.03
C THR A 4 -47.66 7.21 -4.35
N TRP A 5 -47.00 6.49 -3.45
CA TRP A 5 -47.62 5.39 -2.73
C TRP A 5 -47.40 5.55 -1.25
N ARG A 6 -48.26 4.90 -0.48
CA ARG A 6 -48.10 4.82 0.96
C ARG A 6 -48.49 3.40 1.34
N GLU A 7 -48.11 3.01 2.55
CA GLU A 7 -48.42 1.67 3.05
C GLU A 7 -48.97 1.72 4.47
N ALA A 8 -49.82 0.74 4.79
CA ALA A 8 -50.20 0.49 6.18
C ALA A 8 -50.24 -1.01 6.47
N ASP A 9 -49.96 -1.37 7.72
CA ASP A 9 -50.03 -2.76 8.15
C ASP A 9 -51.47 -3.22 8.23
N ILE A 10 -51.69 -4.49 7.89
CA ILE A 10 -53.01 -5.08 8.03
C ILE A 10 -52.96 -6.26 9.00
N ASN A 11 -54.07 -6.50 9.69
CA ASN A 11 -54.21 -7.63 10.62
C ASN A 11 -53.22 -7.59 11.79
N TYR A 12 -52.83 -6.39 12.20
CA TYR A 12 -51.95 -6.27 13.35
C TYR A 12 -52.76 -6.07 14.64
N THR A 13 -52.45 -6.89 15.64
CA THR A 13 -53.13 -6.83 16.94
C THR A 13 -52.12 -6.52 18.05
N SER A 14 -51.14 -7.40 18.24
CA SER A 14 -50.10 -7.20 19.25
C SER A 14 -48.84 -7.98 18.89
N GLY A 15 -47.76 -7.73 19.63
CA GLY A 15 -46.53 -8.47 19.46
C GLY A 15 -45.65 -7.91 18.36
N PHE A 16 -44.91 -8.79 17.69
CA PHE A 16 -44.13 -8.41 16.53
C PHE A 16 -45.02 -8.11 15.33
N ARG A 17 -44.54 -7.26 14.42
CA ARG A 17 -45.28 -6.94 13.21
C ARG A 17 -45.39 -8.15 12.29
N ASN A 18 -46.35 -8.11 11.37
CA ASN A 18 -46.61 -9.24 10.49
C ASN A 18 -46.23 -8.89 9.05
N SER A 19 -46.58 -9.76 8.12
CA SER A 19 -46.14 -9.61 6.73
C SER A 19 -47.19 -8.97 5.79
N ASP A 20 -48.35 -8.64 6.35
CA ASP A 20 -49.50 -8.08 5.61
C ASP A 20 -49.48 -6.56 5.50
N ARG A 21 -49.73 -6.05 4.30
CA ARG A 21 -49.75 -4.61 4.08
C ARG A 21 -50.79 -4.26 3.06
N ILE A 22 -51.36 -3.08 3.20
CA ILE A 22 -52.16 -2.48 2.17
C ILE A 22 -51.32 -1.35 1.56
N LEU A 23 -51.36 -1.24 0.24
CA LEU A 23 -50.61 -0.21 -0.47
C LEU A 23 -51.59 0.63 -1.26
N TYR A 24 -51.52 1.95 -1.08
CA TYR A 24 -52.47 2.83 -1.73
C TYR A 24 -51.78 4.02 -2.38
N SER A 25 -52.25 4.39 -3.56
CA SER A 25 -51.61 5.46 -4.32
C SER A 25 -52.37 6.77 -4.20
N SER A 26 -51.76 7.81 -4.77
CA SER A 26 -52.30 9.15 -4.78
C SER A 26 -53.50 9.27 -5.73
N ASP A 27 -53.68 8.29 -6.61
CA ASP A 27 -54.88 8.24 -7.45
C ASP A 27 -55.74 7.06 -7.04
N TRP A 28 -55.51 6.62 -5.81
CA TRP A 28 -56.34 5.64 -5.11
C TRP A 28 -56.42 4.26 -5.78
N LEU A 29 -55.31 3.84 -6.34
CA LEU A 29 -55.06 2.44 -6.61
C LEU A 29 -54.75 1.81 -5.26
N ILE A 30 -55.20 0.58 -5.07
CA ILE A 30 -54.98 -0.05 -3.79
C ILE A 30 -54.60 -1.50 -4.00
N TYR A 31 -53.50 -1.90 -3.35
CA TYR A 31 -53.00 -3.25 -3.48
C TYR A 31 -52.75 -3.82 -2.10
N LYS A 32 -52.53 -5.12 -2.04
CA LYS A 32 -52.22 -5.76 -0.79
C LYS A 32 -51.11 -6.74 -1.02
N THR A 33 -50.33 -6.95 0.03
CA THR A 33 -49.35 -8.00 0.02
C THR A 33 -49.49 -8.74 1.33
N THR A 34 -49.36 -10.05 1.27
CA THR A 34 -49.44 -10.87 2.47
C THR A 34 -48.17 -11.68 2.62
N ASP A 35 -47.20 -11.38 1.76
CA ASP A 35 -45.92 -12.07 1.80
C ASP A 35 -44.81 -11.04 1.87
N HIS A 36 -45.05 -9.96 2.62
CA HIS A 36 -44.03 -8.96 2.88
C HIS A 36 -43.42 -8.44 1.59
N TYR A 37 -44.28 -7.90 0.73
CA TYR A 37 -43.91 -7.16 -0.49
C TYR A 37 -43.34 -8.03 -1.62
N GLN A 38 -43.33 -9.34 -1.44
CA GLN A 38 -42.88 -10.22 -2.50
C GLN A 38 -43.81 -10.10 -3.68
N THR A 39 -45.10 -10.27 -3.42
CA THR A 39 -46.12 -10.12 -4.45
C THR A 39 -47.24 -9.20 -3.98
N PHE A 40 -47.89 -8.57 -4.95
CA PHE A 40 -49.00 -7.67 -4.69
C PHE A 40 -50.21 -8.09 -5.49
N THR A 41 -51.38 -7.90 -4.90
CA THR A 41 -52.63 -8.12 -5.60
C THR A 41 -53.50 -6.89 -5.45
N LYS A 42 -54.17 -6.51 -6.54
CA LYS A 42 -55.01 -5.33 -6.53
C LYS A 42 -56.23 -5.64 -5.69
N ILE A 43 -56.56 -4.74 -4.78
CA ILE A 43 -57.83 -4.85 -4.09
C ILE A 43 -58.91 -4.58 -5.13
N ARG A 44 -59.66 -5.60 -5.47
CA ARG A 44 -60.76 -5.37 -6.33
C ARG A 44 -62.06 -5.79 -5.76
N CYS A 45 -62.70 -4.86 -5.06
CA CYS A 45 -63.70 -5.17 -4.10
C CYS A 45 -65.07 -5.51 -4.62
N ALA A 46 -65.89 -5.93 -3.69
CA ALA A 46 -66.65 -7.12 -3.81
C ALA A 46 -67.52 -7.06 -2.58
N GLN A 47 -67.40 -7.99 -1.68
CA GLN A 47 -68.05 -7.85 -0.43
C GLN A 47 -67.03 -7.49 0.64
N VAL A 48 -67.36 -6.56 1.50
CA VAL A 48 -66.43 -6.16 2.57
C VAL A 48 -66.42 -7.22 3.67
N ILE A 49 -65.64 -8.27 3.46
CA ILE A 49 -65.56 -9.38 4.41
C ILE A 49 -64.33 -9.28 5.30
N ASN A 50 -63.16 -9.07 4.70
CA ASN A 50 -61.94 -9.05 5.50
C ASN A 50 -61.37 -7.64 5.67
N THR A 51 -60.29 -7.53 6.45
CA THR A 51 -59.79 -6.21 6.86
C THR A 51 -59.05 -5.46 5.76
N PHE A 52 -58.46 -6.19 4.81
CA PHE A 52 -57.94 -5.57 3.59
C PHE A 52 -59.08 -4.83 2.88
N ASP A 53 -60.19 -5.53 2.70
CA ASP A 53 -61.39 -4.97 2.08
C ASP A 53 -61.89 -3.79 2.92
N GLY A 54 -61.94 -3.97 4.23
CA GLY A 54 -62.42 -2.93 5.14
C GLY A 54 -61.67 -1.63 4.99
N VAL A 55 -60.35 -1.70 5.00
CA VAL A 55 -59.49 -0.51 5.01
C VAL A 55 -59.43 0.15 3.64
N ALA A 56 -59.44 -0.67 2.59
CA ALA A 56 -59.45 -0.18 1.22
C ALA A 56 -60.72 0.61 0.92
N ASP A 57 -61.86 0.12 1.41
CA ASP A 57 -63.12 0.81 1.21
C ASP A 57 -63.19 2.05 2.10
N TYR A 58 -62.49 2.04 3.23
CA TYR A 58 -62.39 3.27 4.03
C TYR A 58 -61.60 4.31 3.27
N LEU A 59 -60.44 3.88 2.75
CA LEU A 59 -59.53 4.76 2.02
C LEU A 59 -60.19 5.43 0.84
N GLN A 60 -61.00 4.66 0.11
CA GLN A 60 -61.69 5.17 -1.05
C GLN A 60 -62.79 6.16 -0.67
N THR A 61 -63.38 5.95 0.50
CA THR A 61 -64.49 6.76 0.96
C THR A 61 -64.01 8.06 1.58
N TYR A 62 -62.96 7.99 2.40
CA TYR A 62 -62.50 9.14 3.17
C TYR A 62 -61.15 9.69 2.75
N HIS A 63 -60.40 8.91 1.97
CA HIS A 63 -59.12 9.38 1.44
C HIS A 63 -58.06 9.59 2.53
N LYS A 64 -58.06 8.67 3.49
CA LYS A 64 -57.14 8.70 4.60
C LYS A 64 -57.28 7.36 5.27
N LEU A 65 -56.29 7.01 6.10
CA LEU A 65 -56.33 5.79 6.88
C LEU A 65 -57.30 5.95 8.05
N PRO A 66 -57.94 4.86 8.47
CA PRO A 66 -58.71 4.88 9.70
C PRO A 66 -57.86 5.47 10.85
N ASP A 67 -58.49 5.75 11.98
CA ASP A 67 -57.81 6.44 13.09
C ASP A 67 -56.87 5.55 13.91
N ASN A 68 -56.96 4.23 13.71
CA ASN A 68 -56.10 3.30 14.44
C ASN A 68 -54.67 3.23 13.93
N TYR A 69 -54.28 4.16 13.07
CA TYR A 69 -52.96 4.13 12.45
C TYR A 69 -52.05 5.25 12.90
N ILE A 70 -50.79 4.91 13.13
CA ILE A 70 -49.73 5.89 13.33
C ILE A 70 -48.51 5.53 12.48
N THR A 71 -47.79 6.54 12.02
CA THR A 71 -46.56 6.33 11.27
C THR A 71 -45.49 5.71 12.17
N LYS A 72 -44.37 5.35 11.55
CA LYS A 72 -43.27 4.76 12.31
C LYS A 72 -42.60 5.75 13.24
N SER A 73 -42.40 6.98 12.76
CA SER A 73 -41.76 8.00 13.59
C SER A 73 -42.65 8.40 14.78
N GLU A 74 -43.97 8.32 14.61
CA GLU A 74 -44.90 8.59 15.70
C GLU A 74 -44.87 7.47 16.72
N ALA A 75 -44.82 6.23 16.25
CA ALA A 75 -44.76 5.08 17.15
C ALA A 75 -43.47 5.08 17.94
N GLN A 76 -42.37 5.43 17.30
CA GLN A 76 -41.07 5.54 17.96
C GLN A 76 -41.11 6.65 19.00
N ALA A 77 -41.69 7.79 18.63
CA ALA A 77 -41.83 8.91 19.53
C ALA A 77 -42.44 8.48 20.86
N LEU A 78 -43.26 7.44 20.82
CA LEU A 78 -43.92 6.89 22.01
C LEU A 78 -43.12 5.74 22.62
N GLY A 79 -41.90 5.52 22.14
CA GLY A 79 -41.04 4.45 22.66
C GLY A 79 -41.28 3.08 22.06
N TRP A 80 -41.68 3.05 20.79
CA TRP A 80 -41.86 1.78 20.10
C TRP A 80 -40.51 1.12 19.81
N VAL A 81 -40.41 -0.16 20.14
CA VAL A 81 -39.22 -0.96 19.81
C VAL A 81 -39.65 -2.24 19.09
N ALA A 82 -39.46 -2.24 17.77
CA ALA A 82 -39.96 -3.34 16.93
C ALA A 82 -39.39 -4.68 17.35
N SER A 83 -38.08 -4.69 17.64
CA SER A 83 -37.37 -5.86 18.14
C SER A 83 -38.12 -6.52 19.28
N LYS A 84 -38.52 -5.72 20.27
CA LYS A 84 -39.28 -6.20 21.42
C LYS A 84 -40.68 -6.61 21.01
N GLY A 85 -41.32 -5.81 20.16
CA GLY A 85 -42.67 -6.08 19.69
C GLY A 85 -43.69 -5.48 20.65
N ASN A 86 -43.36 -4.30 21.14
CA ASN A 86 -44.09 -3.67 22.23
C ASN A 86 -45.07 -2.60 21.76
N LEU A 87 -45.46 -2.65 20.50
CA LEU A 87 -46.31 -1.61 19.92
C LEU A 87 -47.65 -1.50 20.66
N ALA A 88 -48.25 -2.65 20.97
CA ALA A 88 -49.50 -2.67 21.72
C ALA A 88 -49.30 -2.15 23.15
N ASP A 89 -48.04 -1.88 23.49
CA ASP A 89 -47.70 -1.38 24.82
C ASP A 89 -47.73 0.15 24.86
N VAL A 90 -46.98 0.74 24.00
CA VAL A 90 -46.83 2.19 23.96
C VAL A 90 -47.96 2.87 23.19
N ALA A 91 -48.67 2.11 22.37
CA ALA A 91 -49.77 2.64 21.56
C ALA A 91 -50.86 1.60 21.36
N PRO A 92 -51.68 1.38 22.41
CA PRO A 92 -52.70 0.34 22.40
C PRO A 92 -53.72 0.52 21.27
N GLY A 93 -53.97 -0.62 20.57
CA GLY A 93 -54.95 -0.63 19.49
C GLY A 93 -54.50 0.10 18.24
N LYS A 94 -53.25 0.54 18.22
CA LYS A 94 -52.69 1.21 17.05
C LYS A 94 -51.96 0.22 16.13
N SER A 95 -51.87 0.56 14.85
CA SER A 95 -51.01 -0.15 13.92
C SER A 95 -50.10 0.87 13.25
N ILE A 96 -49.04 0.39 12.64
CA ILE A 96 -48.20 1.23 11.81
C ILE A 96 -48.85 1.41 10.45
N GLY A 97 -48.87 2.64 9.96
CA GLY A 97 -49.41 2.89 8.62
C GLY A 97 -49.32 4.35 8.25
N GLY A 98 -49.25 4.64 6.96
CA GLY A 98 -49.26 6.01 6.48
C GLY A 98 -47.94 6.50 5.95
N ASP A 99 -46.92 5.66 6.06
CA ASP A 99 -45.59 6.03 5.60
C ASP A 99 -45.45 5.97 4.09
N ILE A 100 -44.61 6.85 3.55
CA ILE A 100 -44.30 6.86 2.14
C ILE A 100 -43.79 5.48 1.74
N PHE A 101 -44.24 4.99 0.58
CA PHE A 101 -43.80 3.70 0.08
C PHE A 101 -43.18 3.90 -1.29
N SER A 102 -41.92 3.54 -1.43
CA SER A 102 -41.18 3.86 -2.64
C SER A 102 -41.25 2.81 -3.75
N ASN A 103 -42.03 1.74 -3.56
CA ASN A 103 -42.27 0.84 -4.67
C ASN A 103 -40.95 0.50 -5.34
N ARG A 104 -39.97 0.13 -4.52
CA ARG A 104 -38.59 -0.02 -4.95
C ARG A 104 -38.35 -1.12 -5.96
N GLU A 105 -39.11 -2.21 -5.88
CA GLU A 105 -38.95 -3.29 -6.85
C GLU A 105 -39.75 -3.03 -8.15
N GLY A 106 -40.51 -1.93 -8.17
CA GLY A 106 -41.28 -1.55 -9.35
C GLY A 106 -42.48 -2.44 -9.64
N LYS A 107 -42.98 -3.13 -8.63
CA LYS A 107 -44.07 -4.08 -8.85
C LYS A 107 -45.46 -3.42 -9.01
N LEU A 108 -45.64 -2.27 -8.40
CA LEU A 108 -46.87 -1.50 -8.52
C LEU A 108 -46.72 -0.46 -9.62
N PRO A 109 -47.85 0.01 -10.17
CA PRO A 109 -47.90 1.03 -11.23
C PRO A 109 -46.99 2.22 -10.98
N GLY A 110 -46.19 2.56 -11.99
CA GLY A 110 -45.15 3.57 -11.86
C GLY A 110 -45.60 4.98 -11.52
N LYS A 111 -44.62 5.81 -11.17
CA LYS A 111 -44.85 7.18 -10.75
C LYS A 111 -45.23 8.06 -11.94
N GLY B 2 14.94 -23.57 30.86
CA GLY B 2 15.04 -24.36 29.60
C GLY B 2 15.88 -23.68 28.53
N ARG B 3 16.49 -24.47 27.67
CA ARG B 3 17.24 -23.95 26.54
C ARG B 3 16.28 -23.33 25.54
N THR B 4 16.58 -22.12 25.11
CA THR B 4 15.75 -21.44 24.14
C THR B 4 16.61 -21.15 22.92
N TRP B 5 15.96 -20.98 21.77
CA TRP B 5 16.70 -20.73 20.53
C TRP B 5 16.27 -19.42 19.87
N ARG B 6 17.18 -18.87 19.09
CA ARG B 6 16.87 -17.77 18.19
C ARG B 6 17.48 -18.06 16.82
N GLU B 7 17.01 -17.35 15.81
CA GLU B 7 17.54 -17.49 14.47
C GLU B 7 17.85 -16.14 13.81
N ALA B 8 18.68 -16.22 12.78
CA ALA B 8 19.05 -15.06 11.97
C ALA B 8 19.39 -15.59 10.59
N ASP B 9 19.10 -14.82 9.54
CA ASP B 9 19.43 -15.19 8.16
C ASP B 9 20.92 -15.04 7.96
N ILE B 10 21.50 -15.91 7.15
CA ILE B 10 22.89 -15.75 6.75
C ILE B 10 22.97 -15.51 5.25
N ASN B 11 23.96 -14.72 4.82
CA ASN B 11 24.23 -14.54 3.39
C ASN B 11 23.13 -13.82 2.65
N TYR B 12 22.44 -12.93 3.32
CA TYR B 12 21.42 -12.17 2.66
C TYR B 12 21.90 -10.83 2.15
N THR B 13 21.69 -10.61 0.86
CA THR B 13 22.26 -9.45 0.18
C THR B 13 21.18 -8.63 -0.51
N SER B 14 20.56 -9.20 -1.54
CA SER B 14 19.43 -8.59 -2.20
C SER B 14 18.13 -9.34 -1.90
N GLY B 15 17.04 -8.59 -1.77
CA GLY B 15 15.74 -9.07 -2.20
C GLY B 15 15.26 -10.26 -1.39
N PHE B 16 14.63 -11.21 -2.06
CA PHE B 16 13.88 -12.26 -1.38
C PHE B 16 14.79 -13.20 -0.61
N ARG B 17 14.38 -13.57 0.59
CA ARG B 17 15.25 -14.23 1.52
C ARG B 17 15.72 -15.53 0.95
N ASN B 18 16.80 -16.04 1.51
CA ASN B 18 17.37 -17.32 1.11
C ASN B 18 17.15 -18.40 2.15
N SER B 19 17.74 -19.57 1.94
CA SER B 19 17.47 -20.74 2.77
C SER B 19 18.51 -20.96 3.86
N ASP B 20 19.35 -19.95 4.10
CA ASP B 20 20.49 -20.06 5.04
C ASP B 20 20.22 -19.38 6.39
N ARG B 21 20.41 -20.11 7.48
CA ARG B 21 20.12 -19.57 8.81
C ARG B 21 21.20 -19.98 9.81
N ILE B 22 21.39 -19.15 10.82
CA ILE B 22 22.22 -19.51 11.95
C ILE B 22 21.29 -19.57 13.13
N LEU B 23 21.43 -20.62 13.93
CA LEU B 23 20.57 -20.86 15.07
C LEU B 23 21.45 -20.84 16.29
N TYR B 24 21.05 -20.08 17.29
CA TYR B 24 21.84 -19.94 18.51
C TYR B 24 20.98 -20.02 19.74
N SER B 25 21.48 -20.69 20.77
CA SER B 25 20.68 -20.95 21.95
C SER B 25 21.10 -20.04 23.10
N SER B 26 20.33 -20.11 24.18
CA SER B 26 20.57 -19.31 25.37
C SER B 26 21.84 -19.76 26.09
N ASP B 27 22.33 -20.95 25.76
CA ASP B 27 23.58 -21.44 26.30
C ASP B 27 24.67 -21.43 25.21
N TRP B 28 24.42 -20.63 24.18
CA TRP B 28 25.41 -20.34 23.15
C TRP B 28 25.88 -21.55 22.33
N LEU B 29 24.95 -22.48 22.18
CA LEU B 29 25.08 -23.52 21.17
C LEU B 29 24.70 -22.88 19.86
N ILE B 30 25.48 -23.14 18.83
CA ILE B 30 25.25 -22.47 17.58
C ILE B 30 25.33 -23.47 16.43
N TYR B 31 24.28 -23.45 15.60
CA TYR B 31 24.14 -24.37 14.49
C TYR B 31 23.82 -23.54 13.27
N LYS B 32 23.88 -24.17 12.11
CA LYS B 32 23.56 -23.50 10.87
C LYS B 32 22.69 -24.43 10.03
N THR B 33 21.95 -23.84 9.11
CA THR B 33 21.20 -24.60 8.13
C THR B 33 21.30 -23.93 6.76
N THR B 34 21.47 -24.72 5.72
CA THR B 34 21.57 -24.17 4.36
C THR B 34 20.46 -24.73 3.46
N ASP B 35 19.63 -25.61 4.01
CA ASP B 35 18.54 -26.19 3.25
C ASP B 35 17.17 -25.94 3.92
N HIS B 36 16.95 -24.69 4.32
CA HIS B 36 15.67 -24.26 4.91
C HIS B 36 15.18 -25.18 6.03
N TYR B 37 16.07 -25.43 6.99
CA TYR B 37 15.72 -26.09 8.26
C TYR B 37 15.55 -27.60 8.16
N GLN B 38 15.93 -28.20 7.04
CA GLN B 38 15.79 -29.65 6.88
C GLN B 38 16.82 -30.38 7.73
N THR B 39 18.04 -29.86 7.72
CA THR B 39 19.12 -30.41 8.52
C THR B 39 19.93 -29.28 9.12
N PHE B 40 20.47 -29.54 10.30
CA PHE B 40 21.32 -28.58 10.97
C PHE B 40 22.69 -29.22 11.22
N THR B 41 23.71 -28.38 11.15
CA THR B 41 25.08 -28.78 11.43
C THR B 41 25.63 -27.82 12.47
N LYS B 42 26.45 -28.34 13.39
CA LYS B 42 27.02 -27.51 14.43
C LYS B 42 28.08 -26.60 13.81
N ILE B 43 28.15 -25.35 14.25
CA ILE B 43 29.27 -24.49 13.88
C ILE B 43 30.43 -24.75 14.86
N ARG B 44 31.68 -25.00 14.34
CA ARG B 44 32.69 -25.57 15.23
C ARG B 44 33.98 -24.78 15.17
N ASP B 53 29.47 -18.05 9.75
CA ASP B 53 30.42 -18.65 10.66
C ASP B 53 31.27 -17.59 11.37
N GLY B 54 31.20 -16.35 10.96
CA GLY B 54 31.79 -15.23 11.70
C GLY B 54 30.73 -14.59 12.59
N VAL B 55 29.47 -14.73 12.18
CA VAL B 55 28.34 -14.32 13.01
C VAL B 55 28.35 -15.11 14.33
N ALA B 56 28.66 -16.41 14.21
CA ALA B 56 28.81 -17.30 15.37
C ALA B 56 29.83 -16.80 16.39
N ASP B 57 31.02 -16.43 15.92
CA ASP B 57 32.05 -15.89 16.80
C ASP B 57 31.62 -14.57 17.47
N TYR B 58 30.85 -13.76 16.76
CA TYR B 58 30.38 -12.48 17.28
C TYR B 58 29.38 -12.74 18.39
N LEU B 59 28.46 -13.67 18.13
CA LEU B 59 27.51 -14.11 19.16
C LEU B 59 28.21 -14.62 20.41
N GLN B 60 29.18 -15.52 20.25
CA GLN B 60 29.95 -16.05 21.37
C GLN B 60 30.68 -14.95 22.14
N THR B 61 31.22 -13.98 21.41
CA THR B 61 31.94 -12.87 22.02
C THR B 61 31.02 -11.83 22.66
N TYR B 62 29.96 -11.43 21.96
CA TYR B 62 29.16 -10.30 22.40
C TYR B 62 27.78 -10.66 22.91
N HIS B 63 27.36 -11.91 22.68
CA HIS B 63 26.06 -12.37 23.18
C HIS B 63 24.94 -11.56 22.57
N LYS B 64 25.15 -11.16 21.32
CA LYS B 64 24.12 -10.46 20.56
C LYS B 64 24.51 -10.53 19.10
N LEU B 65 23.55 -10.27 18.21
CA LEU B 65 23.81 -10.29 16.77
C LEU B 65 24.53 -9.03 16.34
N PRO B 66 25.32 -9.13 15.25
CA PRO B 66 25.93 -7.99 14.61
C PRO B 66 24.90 -6.89 14.33
N ASP B 67 25.39 -5.70 13.98
CA ASP B 67 24.51 -4.53 13.85
C ASP B 67 23.62 -4.50 12.61
N ASN B 68 23.86 -5.42 11.68
CA ASN B 68 23.11 -5.44 10.43
C ASN B 68 21.81 -6.26 10.49
N TYR B 69 21.32 -6.51 11.71
CA TYR B 69 20.16 -7.37 11.90
C TYR B 69 18.98 -6.65 12.53
N ILE B 70 17.78 -6.90 12.00
CA ILE B 70 16.56 -6.41 12.63
C ILE B 70 15.54 -7.55 12.73
N THR B 71 14.70 -7.53 13.76
CA THR B 71 13.64 -8.54 13.88
C THR B 71 12.59 -8.32 12.81
N LYS B 72 11.84 -9.38 12.50
CA LYS B 72 10.79 -9.32 11.49
C LYS B 72 9.84 -8.17 11.74
N SER B 73 9.43 -7.98 12.99
CA SER B 73 8.48 -6.92 13.35
C SER B 73 9.13 -5.53 13.45
N GLU B 74 10.45 -5.47 13.41
CA GLU B 74 11.12 -4.20 13.27
C GLU B 74 11.03 -3.86 11.80
N ALA B 75 11.20 -4.88 10.96
CA ALA B 75 11.10 -4.71 9.52
C ALA B 75 9.68 -4.30 9.11
N GLN B 76 8.67 -4.81 9.81
CA GLN B 76 7.29 -4.49 9.49
C GLN B 76 6.90 -3.09 9.98
N ALA B 77 7.69 -2.55 10.89
CA ALA B 77 7.48 -1.18 11.36
C ALA B 77 8.14 -0.23 10.36
N LEU B 78 9.16 -0.72 9.67
CA LEU B 78 9.78 -0.01 8.57
C LEU B 78 8.98 -0.22 7.30
N GLY B 79 7.87 -0.95 7.42
CA GLY B 79 7.00 -1.23 6.29
C GLY B 79 7.48 -2.34 5.39
N TRP B 80 8.25 -3.28 5.93
CA TRP B 80 8.67 -4.45 5.16
C TRP B 80 7.46 -5.30 4.85
N VAL B 81 7.40 -5.82 3.63
CA VAL B 81 6.36 -6.75 3.25
C VAL B 81 7.03 -7.94 2.57
N ALA B 82 6.89 -9.10 3.22
CA ALA B 82 7.62 -10.30 2.82
C ALA B 82 7.47 -10.62 1.34
N SER B 83 6.23 -10.57 0.84
CA SER B 83 5.94 -10.92 -0.56
C SER B 83 6.82 -10.14 -1.52
N LYS B 84 6.73 -8.82 -1.44
CA LYS B 84 7.44 -7.90 -2.32
C LYS B 84 8.94 -8.15 -2.36
N GLY B 85 9.52 -8.41 -1.18
CA GLY B 85 10.97 -8.58 -1.08
C GLY B 85 11.63 -7.21 -1.03
N ASN B 86 11.32 -6.58 0.10
CA ASN B 86 10.99 -5.22 0.35
C ASN B 86 12.13 -4.65 1.22
N LEU B 87 13.01 -5.52 1.69
CA LEU B 87 13.80 -5.29 2.91
C LEU B 87 14.98 -4.34 2.65
N ALA B 88 15.66 -4.54 1.52
CA ALA B 88 16.76 -3.66 1.13
C ALA B 88 16.33 -2.20 0.98
N ASP B 89 15.05 -1.96 0.69
CA ASP B 89 14.55 -0.61 0.47
C ASP B 89 14.00 0.05 1.74
N VAL B 90 13.29 -0.70 2.55
CA VAL B 90 12.71 -0.17 3.79
C VAL B 90 13.69 -0.26 4.95
N ALA B 91 14.61 -1.22 4.88
CA ALA B 91 15.61 -1.44 5.91
C ALA B 91 16.95 -1.57 5.24
N PRO B 92 17.51 -0.43 4.80
CA PRO B 92 18.75 -0.38 4.02
C PRO B 92 19.93 -1.07 4.72
N GLY B 93 20.44 -2.13 4.11
CA GLY B 93 21.60 -2.85 4.63
C GLY B 93 21.30 -3.95 5.65
N LYS B 94 20.05 -4.09 6.07
CA LYS B 94 19.73 -5.03 7.13
C LYS B 94 19.48 -6.47 6.66
N SER B 95 19.61 -7.40 7.60
CA SER B 95 19.15 -8.77 7.42
C SER B 95 18.11 -9.08 8.48
N ILE B 96 17.32 -10.12 8.27
CA ILE B 96 16.36 -10.57 9.28
C ILE B 96 17.10 -11.46 10.27
N GLY B 97 16.91 -11.22 11.56
CA GLY B 97 17.56 -12.01 12.59
C GLY B 97 17.14 -11.63 13.99
N GLY B 98 17.31 -12.54 14.93
CA GLY B 98 17.02 -12.26 16.34
C GLY B 98 15.72 -12.83 16.85
N ASP B 99 14.90 -13.34 15.94
CA ASP B 99 13.60 -13.87 16.32
C ASP B 99 13.70 -15.22 17.03
N ILE B 100 12.78 -15.46 17.94
CA ILE B 100 12.66 -16.74 18.62
C ILE B 100 12.55 -17.87 17.59
N PHE B 101 13.30 -18.94 17.82
CA PHE B 101 13.23 -20.12 16.98
C PHE B 101 12.70 -21.25 17.85
N SER B 102 11.58 -21.83 17.45
CA SER B 102 10.88 -22.76 18.32
C SER B 102 11.32 -24.19 18.14
N ASN B 103 12.26 -24.43 17.23
CA ASN B 103 12.87 -25.76 17.08
C ASN B 103 11.78 -26.82 17.00
N ARG B 104 10.84 -26.60 16.08
CA ARG B 104 9.57 -27.32 16.01
C ARG B 104 9.67 -28.78 15.57
N GLU B 105 10.79 -29.16 14.98
CA GLU B 105 10.99 -30.54 14.55
C GLU B 105 11.86 -31.28 15.56
N GLY B 106 12.23 -30.60 16.64
CA GLY B 106 13.04 -31.19 17.70
C GLY B 106 14.42 -31.61 17.22
N LYS B 107 14.90 -30.96 16.17
CA LYS B 107 16.17 -31.37 15.57
C LYS B 107 17.41 -30.80 16.28
N LEU B 108 17.21 -29.73 17.04
CA LEU B 108 18.29 -29.12 17.80
C LEU B 108 18.16 -29.54 19.26
N PRO B 109 19.30 -29.59 19.98
CA PRO B 109 19.26 -29.86 21.40
C PRO B 109 18.11 -29.12 22.08
N GLY B 110 17.38 -29.83 22.93
CA GLY B 110 16.19 -29.28 23.56
C GLY B 110 16.50 -28.14 24.52
N MET C 1 -5.75 -10.75 -0.73
CA MET C 1 -6.49 -11.95 -0.41
C MET C 1 -5.95 -13.10 -1.21
N LYS C 2 -4.88 -13.66 -0.73
CA LYS C 2 -4.48 -15.04 -0.91
C LYS C 2 -5.45 -16.12 -0.39
N LYS C 3 -5.87 -16.98 -1.27
CA LYS C 3 -6.70 -18.13 -0.97
C LYS C 3 -5.91 -19.42 -1.17
N ALA C 4 -5.76 -20.18 -0.08
CA ALA C 4 -5.05 -21.45 -0.11
C ALA C 4 -6.02 -22.57 0.25
N VAL C 5 -6.07 -23.59 -0.60
CA VAL C 5 -6.97 -24.72 -0.39
C VAL C 5 -6.26 -26.06 -0.29
N ILE C 6 -6.55 -26.77 0.80
CA ILE C 6 -6.06 -28.12 1.04
C ILE C 6 -7.25 -29.07 0.95
N ASN C 7 -7.18 -30.02 0.01
CA ASN C 7 -8.16 -31.07 -0.08
C ASN C 7 -7.68 -32.26 0.75
N GLY C 8 -8.15 -32.33 1.98
CA GLY C 8 -7.56 -33.21 2.99
C GLY C 8 -7.57 -34.71 2.75
N GLU C 9 -8.50 -35.19 1.92
CA GLU C 9 -8.53 -36.61 1.60
C GLU C 9 -7.72 -36.91 0.33
N GLN C 10 -7.12 -35.87 -0.24
CA GLN C 10 -6.16 -36.00 -1.33
C GLN C 10 -4.76 -36.25 -0.78
N ILE C 11 -4.59 -35.95 0.51
CA ILE C 11 -3.29 -35.97 1.17
C ILE C 11 -2.85 -37.41 1.44
N ARG C 12 -1.66 -37.76 0.95
CA ARG C 12 -1.15 -39.12 1.06
C ARG C 12 -0.14 -39.27 2.19
N SER C 13 0.43 -38.15 2.62
CA SER C 13 1.46 -38.15 3.66
C SER C 13 1.78 -36.72 4.11
N ILE C 14 2.66 -36.61 5.09
CA ILE C 14 3.05 -35.30 5.59
C ILE C 14 3.80 -34.51 4.52
N SER C 15 4.71 -35.19 3.82
CA SER C 15 5.45 -34.61 2.71
C SER C 15 4.48 -34.06 1.65
N ASP C 16 3.38 -34.78 1.46
CA ASP C 16 2.38 -34.42 0.47
C ASP C 16 1.61 -33.16 0.84
N LEU C 17 1.44 -32.94 2.15
CA LEU C 17 0.77 -31.77 2.66
C LEU C 17 1.65 -30.54 2.48
N HIS C 18 2.95 -30.72 2.69
CA HIS C 18 3.91 -29.64 2.50
C HIS C 18 4.04 -29.27 1.03
N GLN C 19 3.95 -30.27 0.16
CA GLN C 19 3.96 -29.99 -1.28
C GLN C 19 2.71 -29.22 -1.67
N THR C 20 1.59 -29.57 -1.06
CA THR C 20 0.33 -28.86 -1.29
C THR C 20 0.40 -27.42 -0.79
N LEU C 21 0.97 -27.24 0.40
CA LEU C 21 1.15 -25.90 0.94
C LEU C 21 2.10 -25.08 0.06
N LYS C 22 3.18 -25.72 -0.38
CA LYS C 22 4.15 -25.04 -1.22
C LYS C 22 3.45 -24.44 -2.45
N LYS C 23 2.64 -25.25 -3.13
CA LYS C 23 1.86 -24.79 -4.26
C LYS C 23 0.85 -23.71 -3.90
N GLU C 24 0.02 -24.00 -2.90
CA GLU C 24 -1.09 -23.11 -2.52
C GLU C 24 -0.63 -21.80 -1.90
N LEU C 25 0.50 -21.82 -1.21
CA LEU C 25 1.03 -20.60 -0.59
C LEU C 25 2.04 -19.91 -1.49
N ALA C 26 2.40 -20.57 -2.60
CA ALA C 26 3.29 -19.96 -3.56
C ALA C 26 4.67 -19.79 -2.94
N LEU C 27 5.13 -20.84 -2.26
CA LEU C 27 6.38 -20.80 -1.51
C LEU C 27 7.58 -20.94 -2.43
N PRO C 28 8.77 -20.52 -1.97
CA PRO C 28 9.93 -20.58 -2.84
C PRO C 28 10.34 -22.01 -3.08
N GLU C 29 11.10 -22.24 -4.15
CA GLU C 29 11.48 -23.59 -4.55
C GLU C 29 12.28 -24.33 -3.48
N TYR C 30 13.03 -23.60 -2.68
CA TYR C 30 13.82 -24.21 -1.62
C TYR C 30 12.99 -24.55 -0.36
N TYR C 31 11.70 -24.28 -0.39
CA TYR C 31 10.87 -24.51 0.78
C TYR C 31 11.24 -25.85 1.41
N GLY C 32 11.60 -25.83 2.69
CA GLY C 32 12.15 -27.00 3.36
C GLY C 32 11.17 -28.08 3.75
N GLU C 33 9.88 -27.85 3.51
CA GLU C 33 8.84 -28.84 3.80
C GLU C 33 8.93 -29.40 5.21
N ASN C 34 8.97 -28.52 6.20
CA ASN C 34 8.98 -28.94 7.59
C ASN C 34 8.37 -27.80 8.36
N LEU C 35 8.11 -28.02 9.63
CA LEU C 35 7.36 -27.04 10.44
C LEU C 35 8.14 -25.75 10.63
N ASP C 36 9.45 -25.85 10.76
CA ASP C 36 10.29 -24.66 10.90
C ASP C 36 10.29 -23.78 9.64
N ALA C 37 10.35 -24.42 8.47
CA ALA C 37 10.24 -23.76 7.19
C ALA C 37 8.87 -23.13 7.03
N LEU C 38 7.84 -23.88 7.39
CA LEU C 38 6.48 -23.37 7.34
C LEU C 38 6.32 -22.08 8.18
N TRP C 39 6.81 -22.10 9.42
CA TRP C 39 6.78 -20.91 10.26
C TRP C 39 7.58 -19.77 9.64
N ASP C 40 8.72 -20.10 9.04
CA ASP C 40 9.55 -19.09 8.37
C ASP C 40 8.80 -18.44 7.20
N CYS C 41 8.14 -19.25 6.39
CA CYS C 41 7.34 -18.73 5.27
C CYS C 41 6.12 -17.91 5.71
N LEU C 42 5.42 -18.36 6.74
CA LEU C 42 4.23 -17.65 7.18
C LEU C 42 4.56 -16.29 7.77
N THR C 43 5.68 -16.19 8.47
CA THR C 43 6.03 -14.93 9.12
C THR C 43 7.06 -14.13 8.31
N GLY C 44 7.43 -14.63 7.15
CA GLY C 44 8.45 -13.95 6.36
C GLY C 44 8.45 -14.21 4.87
N TRP C 45 7.28 -14.49 4.31
CA TRP C 45 7.16 -14.71 2.87
C TRP C 45 5.74 -14.46 2.39
N VAL C 46 4.82 -15.28 2.86
CA VAL C 46 3.41 -15.19 2.50
C VAL C 46 2.85 -13.77 2.55
N GLU C 47 1.96 -13.46 1.62
CA GLU C 47 1.29 -12.17 1.59
C GLU C 47 -0.07 -12.29 2.26
N TYR C 48 -0.40 -11.30 3.07
CA TYR C 48 -1.65 -11.30 3.79
C TYR C 48 -2.56 -10.21 3.24
N PRO C 49 -3.89 -10.34 3.42
CA PRO C 49 -4.61 -11.39 4.14
C PRO C 49 -4.55 -12.76 3.44
N LEU C 50 -4.77 -13.82 4.21
CA LEU C 50 -4.76 -15.18 3.68
C LEU C 50 -5.99 -15.92 4.20
N VAL C 51 -6.58 -16.74 3.34
CA VAL C 51 -7.64 -17.66 3.74
C VAL C 51 -7.11 -19.08 3.52
N LEU C 52 -6.94 -19.82 4.61
CA LEU C 52 -6.60 -21.22 4.53
C LEU C 52 -7.87 -22.06 4.66
N GLU C 53 -8.26 -22.70 3.57
CA GLU C 53 -9.43 -23.55 3.53
C GLU C 53 -8.96 -25.00 3.50
N TRP C 54 -9.12 -25.68 4.61
CA TRP C 54 -8.63 -27.02 4.77
C TRP C 54 -9.82 -27.98 4.78
N ARG C 55 -10.14 -28.51 3.59
CA ARG C 55 -11.29 -29.38 3.39
C ARG C 55 -10.95 -30.78 3.88
N GLN C 56 -11.95 -31.47 4.43
CA GLN C 56 -11.78 -32.83 4.93
C GLN C 56 -10.63 -32.91 5.91
N PHE C 57 -10.63 -31.96 6.85
CA PHE C 57 -9.53 -31.80 7.78
C PHE C 57 -9.35 -33.03 8.68
N GLU C 58 -10.46 -33.60 9.12
CA GLU C 58 -10.42 -34.82 9.93
C GLU C 58 -9.76 -35.97 9.19
N GLN C 59 -10.04 -36.14 7.91
CA GLN C 59 -9.43 -37.23 7.15
C GLN C 59 -7.94 -37.02 6.98
N SER C 60 -7.51 -35.76 7.03
CA SER C 60 -6.10 -35.46 6.78
C SER C 60 -5.22 -35.79 7.97
N LYS C 61 -5.81 -35.96 9.14
CA LYS C 61 -5.03 -36.24 10.34
C LYS C 61 -4.44 -37.64 10.36
N GLN C 62 -5.24 -38.62 9.94
CA GLN C 62 -4.78 -40.00 9.84
C GLN C 62 -3.87 -40.19 8.63
N LEU C 63 -4.19 -39.51 7.54
CA LEU C 63 -3.40 -39.60 6.32
C LEU C 63 -2.01 -38.97 6.47
N THR C 64 -1.74 -38.36 7.61
CA THR C 64 -0.45 -37.68 7.80
C THR C 64 0.30 -38.18 9.03
N GLU C 65 -0.17 -39.29 9.60
CA GLU C 65 0.42 -39.87 10.80
C GLU C 65 0.45 -38.86 11.95
N ASN C 66 -0.68 -38.18 12.17
CA ASN C 66 -0.79 -37.17 13.23
C ASN C 66 -0.05 -35.85 12.93
N GLY C 67 0.41 -35.68 11.69
CA GLY C 67 1.17 -34.49 11.33
C GLY C 67 0.36 -33.28 10.91
N ALA C 68 -0.91 -33.50 10.53
CA ALA C 68 -1.82 -32.41 10.14
C ALA C 68 -2.06 -31.38 11.26
N GLU C 69 -2.14 -31.88 12.48
CA GLU C 69 -2.36 -31.05 13.67
C GLU C 69 -1.18 -30.10 13.91
N SER C 70 0.03 -30.58 13.70
CA SER C 70 1.25 -29.78 13.84
C SER C 70 1.27 -28.63 12.83
N VAL C 71 0.91 -28.95 11.59
CA VAL C 71 0.86 -27.95 10.52
C VAL C 71 -0.18 -26.87 10.82
N LEU C 72 -1.36 -27.31 11.27
CA LEU C 72 -2.42 -26.39 11.69
C LEU C 72 -1.96 -25.53 12.88
N GLN C 73 -1.21 -26.12 13.79
CA GLN C 73 -0.73 -25.41 14.98
C GLN C 73 0.08 -24.19 14.55
N VAL C 74 0.92 -24.40 13.54
CA VAL C 74 1.76 -23.33 13.00
C VAL C 74 0.93 -22.16 12.43
N PHE C 75 -0.13 -22.50 11.70
CA PHE C 75 -1.03 -21.48 11.17
C PHE C 75 -1.70 -20.71 12.29
N ARG C 76 -2.18 -21.45 13.28
CA ARG C 76 -2.82 -20.86 14.46
C ARG C 76 -1.87 -19.88 15.12
N GLU C 77 -0.62 -20.32 15.29
CA GLU C 77 0.41 -19.56 15.98
C GLU C 77 0.82 -18.30 15.20
N ALA C 78 0.91 -18.42 13.87
CA ALA C 78 1.17 -17.27 13.03
C ALA C 78 0.03 -16.26 13.17
N LYS C 79 -1.20 -16.75 13.13
CA LYS C 79 -2.38 -15.93 13.31
C LYS C 79 -2.37 -15.22 14.68
N ALA C 80 -1.87 -15.92 15.70
CA ALA C 80 -1.73 -15.35 17.03
C ALA C 80 -0.68 -14.23 17.08
N GLU C 81 0.29 -14.28 16.19
CA GLU C 81 1.34 -13.25 16.16
C GLU C 81 0.94 -12.05 15.33
N GLY C 82 -0.28 -12.03 14.82
CA GLY C 82 -0.79 -10.89 14.07
C GLY C 82 -0.82 -11.06 12.56
N CYS C 83 -0.56 -12.27 12.07
CA CYS C 83 -0.74 -12.51 10.64
C CYS C 83 -2.23 -12.64 10.35
N ASP C 84 -2.70 -11.88 9.37
CA ASP C 84 -4.13 -11.86 9.03
C ASP C 84 -4.52 -13.13 8.26
N ILE C 85 -4.72 -14.23 8.99
CA ILE C 85 -5.08 -15.51 8.39
C ILE C 85 -6.49 -15.86 8.83
N THR C 86 -7.33 -16.23 7.87
CA THR C 86 -8.61 -16.83 8.15
C THR C 86 -8.38 -18.32 7.93
N ILE C 87 -8.70 -19.11 8.95
CA ILE C 87 -8.55 -20.53 8.89
C ILE C 87 -9.94 -21.14 8.80
N ILE C 88 -10.14 -21.98 7.79
CA ILE C 88 -11.39 -22.69 7.66
C ILE C 88 -11.15 -24.18 7.71
N LEU C 89 -11.74 -24.83 8.70
CA LEU C 89 -11.67 -26.26 8.82
C LEU C 89 -13.01 -26.90 8.43
N SER C 90 -13.07 -27.35 7.19
CA SER C 90 -14.25 -28.03 6.67
C SER C 90 -13.95 -29.52 6.49
N MET D 1 -25.19 -1.94 19.75
CA MET D 1 -24.26 -2.00 18.60
C MET D 1 -24.37 -3.36 17.89
N LYS D 2 -25.16 -3.37 16.82
CA LYS D 2 -25.39 -4.56 16.01
C LYS D 2 -24.32 -4.63 14.92
N LYS D 3 -23.76 -5.82 14.71
CA LYS D 3 -22.79 -6.00 13.66
C LYS D 3 -23.35 -6.89 12.57
N ALA D 4 -23.31 -6.40 11.34
CA ALA D 4 -23.71 -7.18 10.19
C ALA D 4 -22.55 -7.28 9.20
N VAL D 5 -22.22 -8.50 8.83
CA VAL D 5 -21.08 -8.75 7.94
C VAL D 5 -21.53 -9.47 6.68
N ILE D 6 -21.22 -8.88 5.54
CA ILE D 6 -21.49 -9.50 4.26
C ILE D 6 -20.17 -9.85 3.59
N ASN D 7 -19.98 -11.13 3.33
CA ASN D 7 -18.81 -11.59 2.58
C ASN D 7 -19.17 -11.66 1.10
N GLY D 8 -18.80 -10.61 0.39
CA GLY D 8 -19.27 -10.35 -0.96
C GLY D 8 -19.00 -11.46 -1.97
N GLU D 9 -17.91 -12.17 -1.78
CA GLU D 9 -17.52 -13.19 -2.73
C GLU D 9 -18.31 -14.48 -2.50
N GLN D 10 -19.01 -14.55 -1.38
CA GLN D 10 -19.81 -15.73 -1.03
C GLN D 10 -21.15 -15.66 -1.74
N ILE D 11 -21.59 -14.45 -2.04
CA ILE D 11 -22.90 -14.24 -2.64
C ILE D 11 -22.97 -14.97 -3.98
N ARG D 12 -24.03 -15.74 -4.16
CA ARG D 12 -24.25 -16.46 -5.41
C ARG D 12 -25.37 -15.81 -6.22
N SER D 13 -26.13 -14.91 -5.58
CA SER D 13 -27.29 -14.28 -6.20
C SER D 13 -27.91 -13.21 -5.31
N ILE D 14 -28.77 -12.39 -5.90
CA ILE D 14 -29.52 -11.37 -5.15
C ILE D 14 -30.28 -11.99 -3.97
N SER D 15 -30.93 -13.13 -4.20
CA SER D 15 -31.67 -13.84 -3.16
C SER D 15 -30.75 -14.30 -2.06
N ASP D 16 -29.52 -14.65 -2.43
CA ASP D 16 -28.55 -15.12 -1.46
C ASP D 16 -28.07 -13.96 -0.58
N LEU D 17 -28.07 -12.75 -1.14
CA LEU D 17 -27.71 -11.56 -0.42
C LEU D 17 -28.75 -11.21 0.64
N HIS D 18 -30.03 -11.24 0.26
CA HIS D 18 -31.13 -11.05 1.21
C HIS D 18 -31.13 -12.07 2.34
N GLN D 19 -30.81 -13.32 2.01
CA GLN D 19 -30.71 -14.36 3.02
C GLN D 19 -29.55 -14.12 3.98
N THR D 20 -28.44 -13.61 3.46
CA THR D 20 -27.32 -13.21 4.30
C THR D 20 -27.77 -12.08 5.22
N LEU D 21 -28.48 -11.11 4.68
CA LEU D 21 -29.02 -10.00 5.48
C LEU D 21 -30.05 -10.46 6.53
N LYS D 22 -30.95 -11.34 6.13
CA LYS D 22 -31.92 -11.91 7.06
C LYS D 22 -31.20 -12.49 8.26
N LYS D 23 -30.09 -13.16 8.00
CA LYS D 23 -29.26 -13.73 9.05
C LYS D 23 -28.50 -12.66 9.84
N GLU D 24 -27.76 -11.80 9.15
CA GLU D 24 -26.90 -10.84 9.84
C GLU D 24 -27.68 -9.78 10.61
N LEU D 25 -28.86 -9.43 10.11
CA LEU D 25 -29.69 -8.41 10.74
C LEU D 25 -30.73 -9.08 11.62
N ALA D 26 -30.71 -10.40 11.64
CA ALA D 26 -31.64 -11.18 12.43
C ALA D 26 -33.07 -10.74 12.14
N LEU D 27 -33.43 -10.74 10.85
CA LEU D 27 -34.77 -10.33 10.43
C LEU D 27 -35.79 -11.44 10.71
N PRO D 28 -37.08 -11.08 10.78
CA PRO D 28 -38.13 -12.08 11.00
C PRO D 28 -38.15 -13.14 9.91
N GLU D 29 -38.70 -14.31 10.23
CA GLU D 29 -38.76 -15.43 9.31
C GLU D 29 -39.55 -15.14 8.03
N TYR D 30 -40.49 -14.21 8.10
CA TYR D 30 -41.31 -13.89 6.93
C TYR D 30 -40.67 -12.81 6.06
N TYR D 31 -39.46 -12.39 6.42
CA TYR D 31 -38.71 -11.44 5.60
C TYR D 31 -38.84 -11.74 4.11
N GLY D 32 -39.37 -10.76 3.37
CA GLY D 32 -39.72 -10.94 1.97
C GLY D 32 -38.57 -10.98 0.98
N GLU D 33 -37.36 -10.70 1.46
CA GLU D 33 -36.16 -10.79 0.62
C GLU D 33 -36.30 -9.99 -0.67
N ASN D 34 -36.60 -8.70 -0.49
CA ASN D 34 -36.74 -7.75 -1.57
C ASN D 34 -36.44 -6.35 -1.02
N LEU D 35 -36.41 -5.36 -1.88
CA LEU D 35 -35.95 -4.03 -1.47
C LEU D 35 -36.98 -3.36 -0.59
N ASP D 36 -38.25 -3.62 -0.86
CA ASP D 36 -39.31 -3.07 -0.06
C ASP D 36 -39.29 -3.67 1.35
N ALA D 37 -39.14 -4.99 1.41
CA ALA D 37 -38.96 -5.72 2.68
C ALA D 37 -37.78 -5.18 3.47
N LEU D 38 -36.65 -5.01 2.79
CA LEU D 38 -35.45 -4.52 3.45
C LEU D 38 -35.67 -3.15 4.08
N TRP D 39 -36.30 -2.24 3.33
CA TRP D 39 -36.60 -0.91 3.83
C TRP D 39 -37.50 -0.95 5.06
N ASP D 40 -38.53 -1.79 4.99
CA ASP D 40 -39.44 -2.04 6.10
C ASP D 40 -38.68 -2.44 7.37
N CYS D 41 -37.75 -3.38 7.22
CA CYS D 41 -36.93 -3.84 8.36
C CYS D 41 -35.97 -2.80 8.89
N LEU D 42 -35.35 -2.04 8.00
CA LEU D 42 -34.42 -1.01 8.42
C LEU D 42 -35.10 0.09 9.24
N THR D 43 -36.30 0.48 8.82
CA THR D 43 -37.04 1.53 9.52
C THR D 43 -38.06 0.97 10.50
N GLY D 44 -38.26 -0.35 10.50
CA GLY D 44 -39.27 -0.93 11.38
C GLY D 44 -38.93 -2.29 11.94
N TRP D 45 -37.66 -2.51 12.29
CA TRP D 45 -37.25 -3.75 12.94
C TRP D 45 -35.84 -3.69 13.57
N VAL D 46 -34.87 -3.33 12.74
CA VAL D 46 -33.47 -3.33 13.14
C VAL D 46 -33.23 -2.32 14.26
N GLU D 47 -32.44 -2.72 15.25
CA GLU D 47 -32.05 -1.82 16.32
C GLU D 47 -30.72 -1.17 15.99
N TYR D 48 -30.54 0.06 16.44
CA TYR D 48 -29.36 0.84 16.11
C TYR D 48 -28.64 1.23 17.40
N PRO D 49 -27.32 1.49 17.32
CA PRO D 49 -26.49 1.56 16.12
C PRO D 49 -26.32 0.24 15.37
N LEU D 50 -26.01 0.35 14.09
CA LEU D 50 -25.70 -0.78 13.24
C LEU D 50 -24.40 -0.46 12.53
N VAL D 51 -23.53 -1.46 12.42
CA VAL D 51 -22.36 -1.39 11.58
C VAL D 51 -22.54 -2.47 10.52
N LEU D 52 -22.58 -2.04 9.26
CA LEU D 52 -22.71 -2.97 8.14
C LEU D 52 -21.36 -3.04 7.41
N GLU D 53 -20.67 -4.16 7.59
CA GLU D 53 -19.38 -4.40 6.97
C GLU D 53 -19.61 -5.24 5.72
N TRP D 54 -19.39 -4.63 4.56
CA TRP D 54 -19.64 -5.30 3.31
C TRP D 54 -18.31 -5.55 2.63
N ARG D 55 -17.79 -6.77 2.80
CA ARG D 55 -16.48 -7.14 2.27
C ARG D 55 -16.62 -7.61 0.85
N GLN D 56 -15.55 -7.39 0.08
CA GLN D 56 -15.55 -7.60 -1.37
C GLN D 56 -16.82 -7.07 -1.99
N PHE D 57 -17.15 -5.84 -1.64
CA PHE D 57 -18.33 -5.19 -2.18
C PHE D 57 -18.39 -5.24 -3.71
N GLU D 58 -17.24 -4.99 -4.33
CA GLU D 58 -17.12 -4.94 -5.79
C GLU D 58 -17.41 -6.27 -6.48
N GLN D 59 -16.91 -7.37 -5.94
CA GLN D 59 -17.25 -8.69 -6.46
C GLN D 59 -18.77 -8.91 -6.36
N SER D 60 -19.37 -8.43 -5.29
CA SER D 60 -20.78 -8.76 -5.02
C SER D 60 -21.73 -8.15 -6.06
N LYS D 61 -21.26 -7.12 -6.74
CA LYS D 61 -22.08 -6.44 -7.76
C LYS D 61 -22.33 -7.35 -8.95
N GLN D 62 -21.31 -8.10 -9.36
CA GLN D 62 -21.46 -9.00 -10.48
C GLN D 62 -22.18 -10.27 -10.07
N LEU D 63 -21.90 -10.75 -8.86
CA LEU D 63 -22.57 -11.92 -8.30
C LEU D 63 -24.06 -11.67 -8.05
N THR D 64 -24.48 -10.42 -8.20
CA THR D 64 -25.89 -10.05 -8.19
C THR D 64 -26.08 -9.36 -9.52
N GLU D 65 -27.28 -9.37 -10.09
CA GLU D 65 -27.45 -8.78 -11.42
C GLU D 65 -27.39 -7.26 -11.32
N ASN D 66 -26.34 -6.75 -10.68
CA ASN D 66 -26.27 -5.32 -10.33
C ASN D 66 -27.24 -4.96 -9.20
N GLY D 67 -27.64 -5.96 -8.42
CA GLY D 67 -28.60 -5.78 -7.33
C GLY D 67 -28.00 -5.30 -6.02
N ALA D 68 -26.72 -5.58 -5.83
CA ALA D 68 -26.00 -5.11 -4.65
C ALA D 68 -26.10 -3.60 -4.44
N GLU D 69 -26.01 -2.83 -5.54
CA GLU D 69 -26.10 -1.38 -5.47
C GLU D 69 -27.43 -0.88 -4.91
N SER D 70 -28.52 -1.50 -5.35
CA SER D 70 -29.84 -1.08 -4.90
C SER D 70 -30.04 -1.44 -3.43
N VAL D 71 -29.44 -2.55 -3.00
CA VAL D 71 -29.41 -2.93 -1.59
C VAL D 71 -28.59 -1.91 -0.77
N LEU D 72 -27.43 -1.56 -1.28
CA LEU D 72 -26.63 -0.51 -0.67
C LEU D 72 -27.39 0.81 -0.56
N GLN D 73 -28.09 1.20 -1.63
CA GLN D 73 -28.82 2.47 -1.65
C GLN D 73 -29.88 2.54 -0.53
N VAL D 74 -30.50 1.41 -0.23
CA VAL D 74 -31.49 1.33 0.84
C VAL D 74 -30.85 1.57 2.22
N PHE D 75 -29.66 1.00 2.45
CA PHE D 75 -28.94 1.30 3.68
C PHE D 75 -28.56 2.79 3.75
N ARG D 76 -28.11 3.33 2.62
CA ARG D 76 -27.72 4.75 2.56
C ARG D 76 -28.92 5.63 2.88
N GLU D 77 -30.07 5.25 2.34
CA GLU D 77 -31.30 6.01 2.50
C GLU D 77 -31.82 5.95 3.95
N ALA D 78 -31.63 4.81 4.60
CA ALA D 78 -31.98 4.66 6.01
C ALA D 78 -31.06 5.54 6.86
N LYS D 79 -29.78 5.52 6.51
CA LYS D 79 -28.80 6.36 7.17
C LYS D 79 -29.17 7.84 7.01
N ALA D 80 -29.50 8.24 5.78
CA ALA D 80 -29.94 9.62 5.52
C ALA D 80 -31.17 10.03 6.34
N GLU D 81 -32.03 9.07 6.66
CA GLU D 81 -33.24 9.36 7.42
C GLU D 81 -32.97 9.47 8.92
N GLY D 82 -31.77 9.12 9.34
CA GLY D 82 -31.37 9.32 10.73
C GLY D 82 -31.13 8.04 11.50
N CYS D 83 -31.15 6.91 10.80
CA CYS D 83 -30.75 5.64 11.41
C CYS D 83 -29.22 5.65 11.60
N ASP D 84 -28.76 5.26 12.79
CA ASP D 84 -27.32 5.26 13.09
C ASP D 84 -26.63 4.05 12.45
N ILE D 85 -26.30 4.17 11.18
CA ILE D 85 -25.74 3.07 10.42
C ILE D 85 -24.34 3.47 9.97
N THR D 86 -23.37 2.65 10.33
CA THR D 86 -22.02 2.81 9.81
C THR D 86 -21.90 1.81 8.67
N ILE D 87 -21.50 2.29 7.51
CA ILE D 87 -21.40 1.44 6.35
C ILE D 87 -19.95 1.31 6.00
N ILE D 88 -19.46 0.07 5.97
CA ILE D 88 -18.08 -0.19 5.58
C ILE D 88 -18.06 -0.95 4.26
N LEU D 89 -17.59 -0.29 3.20
CA LEU D 89 -17.40 -0.96 1.92
C LEU D 89 -15.94 -1.36 1.76
N SER D 90 -15.67 -2.64 1.96
CA SER D 90 -14.31 -3.15 1.89
C SER D 90 -14.18 -4.19 0.78
N GLY E 2 58.09 -0.98 6.57
CA GLY E 2 57.07 0.11 6.73
C GLY E 2 55.66 -0.41 6.53
N ARG E 3 54.72 0.12 7.30
CA ARG E 3 53.33 -0.30 7.19
C ARG E 3 52.66 0.25 5.93
N THR E 4 51.68 -0.49 5.42
CA THR E 4 50.80 0.00 4.36
C THR E 4 49.35 -0.02 4.84
N TRP E 5 48.48 0.60 4.05
CA TRP E 5 47.12 0.85 4.44
C TRP E 5 46.17 0.51 3.32
N ARG E 6 44.94 0.16 3.71
CA ARG E 6 43.85 0.01 2.78
C ARG E 6 42.66 0.75 3.35
N GLU E 7 41.64 0.97 2.53
CA GLU E 7 40.41 1.59 2.98
C GLU E 7 39.18 0.83 2.52
N ALA E 8 38.07 1.05 3.23
CA ALA E 8 36.78 0.55 2.81
C ALA E 8 35.72 1.56 3.20
N ASP E 9 34.61 1.60 2.48
CA ASP E 9 33.49 2.48 2.82
C ASP E 9 32.76 1.93 4.02
N ILE E 10 32.16 2.83 4.79
CA ILE E 10 31.36 2.44 5.95
C ILE E 10 30.01 3.13 5.89
N ASN E 11 28.95 2.42 6.30
CA ASN E 11 27.59 2.97 6.35
C ASN E 11 26.96 3.15 4.98
N TYR E 12 27.38 2.40 3.99
CA TYR E 12 26.81 2.53 2.69
C TYR E 12 25.54 1.68 2.66
N THR E 13 24.42 2.28 2.32
CA THR E 13 23.21 1.56 1.98
C THR E 13 23.00 1.47 0.48
N SER E 14 22.49 2.55 -0.09
CA SER E 14 22.34 2.68 -1.52
C SER E 14 22.68 4.07 -1.97
N GLY E 15 22.84 4.24 -3.26
CA GLY E 15 22.93 5.54 -3.87
C GLY E 15 24.34 6.01 -4.08
N PHE E 16 24.54 7.28 -3.88
CA PHE E 16 25.85 7.86 -3.85
C PHE E 16 26.63 7.42 -2.63
N ARG E 17 27.92 7.17 -2.85
CA ARG E 17 28.83 6.89 -1.75
C ARG E 17 28.84 8.04 -0.78
N ASN E 18 29.22 7.75 0.46
CA ASN E 18 29.28 8.76 1.51
C ASN E 18 30.72 9.15 1.82
N SER E 19 30.89 9.94 2.87
CA SER E 19 32.19 10.44 3.26
C SER E 19 32.86 9.59 4.36
N ASP E 20 32.22 8.47 4.70
CA ASP E 20 32.67 7.58 5.77
C ASP E 20 33.57 6.44 5.28
N ARG E 21 34.76 6.33 5.87
CA ARG E 21 35.69 5.26 5.52
C ARG E 21 36.32 4.64 6.76
N ILE E 22 36.73 3.40 6.60
CA ILE E 22 37.51 2.73 7.62
C ILE E 22 38.86 2.48 6.97
N LEU E 23 39.94 2.80 7.69
CA LEU E 23 41.30 2.58 7.20
C LEU E 23 42.00 1.56 8.07
N TYR E 24 42.61 0.55 7.45
CA TYR E 24 43.29 -0.50 8.19
C TYR E 24 44.67 -0.79 7.61
N SER E 25 45.66 -0.94 8.49
CA SER E 25 47.01 -1.17 8.01
C SER E 25 47.38 -2.65 7.94
N SER E 26 48.56 -2.93 7.38
CA SER E 26 49.08 -4.29 7.30
C SER E 26 49.33 -4.90 8.70
N ASP E 27 49.56 -4.05 9.70
CA ASP E 27 49.66 -4.53 11.07
C ASP E 27 48.35 -4.34 11.82
N TRP E 28 47.27 -4.17 11.06
CA TRP E 28 45.90 -4.13 11.58
C TRP E 28 45.60 -3.02 12.60
N LEU E 29 46.32 -1.91 12.48
CA LEU E 29 45.84 -0.62 13.02
C LEU E 29 44.58 -0.19 12.26
N ILE E 30 43.60 0.36 12.99
CA ILE E 30 42.32 0.70 12.39
C ILE E 30 41.86 2.10 12.78
N TYR E 31 41.53 2.88 11.75
CA TYR E 31 41.11 4.26 11.92
C TYR E 31 39.87 4.48 11.08
N LYS E 32 39.05 5.44 11.48
CA LYS E 32 37.92 5.80 10.68
C LYS E 32 37.94 7.30 10.37
N THR E 33 37.27 7.66 9.29
CA THR E 33 37.01 9.05 8.96
C THR E 33 35.55 9.17 8.58
N THR E 34 34.90 10.23 9.02
CA THR E 34 33.52 10.48 8.64
C THR E 34 33.41 11.82 7.93
N ASP E 35 34.55 12.43 7.61
CA ASP E 35 34.55 13.69 6.89
C ASP E 35 35.44 13.64 5.65
N HIS E 36 35.46 12.49 4.99
CA HIS E 36 36.17 12.34 3.71
C HIS E 36 37.66 12.63 3.84
N TYR E 37 38.28 11.94 4.79
CA TYR E 37 39.72 11.92 5.03
C TYR E 37 40.29 13.20 5.64
N GLN E 38 39.45 14.11 6.12
CA GLN E 38 39.93 15.35 6.73
C GLN E 38 40.60 15.08 8.06
N THR E 39 39.89 14.34 8.90
CA THR E 39 40.45 13.94 10.18
C THR E 39 40.11 12.47 10.37
N PHE E 40 40.95 11.78 11.12
CA PHE E 40 40.78 10.36 11.36
C PHE E 40 40.66 10.10 12.85
N THR E 41 39.88 9.09 13.20
CA THR E 41 39.73 8.67 14.59
C THR E 41 40.20 7.23 14.71
N LYS E 42 41.01 6.98 15.73
CA LYS E 42 41.56 5.66 15.94
C LYS E 42 40.53 4.73 16.53
N ILE E 43 40.57 3.48 16.10
CA ILE E 43 39.75 2.47 16.73
C ILE E 43 40.61 1.47 17.51
N ARG E 44 40.55 1.58 18.84
CA ARG E 44 40.95 0.51 19.77
C ARG E 44 41.54 1.07 21.07
N PHE E 52 31.77 1.92 18.92
CA PHE E 52 32.00 0.54 18.50
C PHE E 52 31.73 0.26 17.06
N ASP E 53 32.72 -0.25 16.34
CA ASP E 53 32.58 -0.41 14.93
C ASP E 53 32.63 -1.82 14.49
N GLY E 54 31.54 -2.27 13.89
CA GLY E 54 31.34 -3.69 13.62
C GLY E 54 32.33 -4.23 12.61
N VAL E 55 32.66 -3.42 11.62
CA VAL E 55 33.58 -3.84 10.56
C VAL E 55 35.03 -3.81 11.04
N ALA E 56 35.32 -2.90 11.96
CA ALA E 56 36.63 -2.87 12.61
C ALA E 56 36.89 -4.18 13.41
N ASP E 57 35.90 -4.59 14.18
CA ASP E 57 35.94 -5.85 14.91
C ASP E 57 36.24 -7.00 13.96
N TYR E 58 35.55 -7.05 12.83
CA TYR E 58 35.77 -8.11 11.87
C TYR E 58 37.21 -8.08 11.34
N LEU E 59 37.65 -6.90 10.90
CA LEU E 59 39.04 -6.67 10.47
C LEU E 59 40.09 -7.05 11.53
N GLN E 60 39.96 -6.52 12.73
CA GLN E 60 40.93 -6.79 13.81
C GLN E 60 40.97 -8.27 14.11
N THR E 61 39.78 -8.86 14.26
CA THR E 61 39.66 -10.26 14.60
C THR E 61 40.14 -11.20 13.49
N TYR E 62 39.60 -11.07 12.28
CA TYR E 62 39.85 -12.08 11.25
C TYR E 62 40.84 -11.61 10.18
N HIS E 63 41.33 -10.39 10.33
CA HIS E 63 42.34 -9.84 9.43
C HIS E 63 41.98 -9.99 7.96
N LYS E 64 40.75 -9.60 7.62
CA LYS E 64 40.30 -9.49 6.23
C LYS E 64 39.00 -8.71 6.24
N LEU E 65 38.61 -8.20 5.08
CA LEU E 65 37.37 -7.49 4.93
C LEU E 65 36.22 -8.49 4.90
N PRO E 66 35.06 -8.11 5.36
CA PRO E 66 33.86 -8.92 5.24
C PRO E 66 33.51 -9.17 3.80
N ASP E 67 32.56 -10.08 3.55
CA ASP E 67 32.37 -10.63 2.22
C ASP E 67 31.49 -9.72 1.37
N ASN E 68 31.17 -8.56 1.91
CA ASN E 68 30.23 -7.64 1.25
C ASN E 68 30.95 -6.49 0.56
N TYR E 69 32.27 -6.62 0.40
CA TYR E 69 33.07 -5.56 -0.13
C TYR E 69 33.61 -5.87 -1.51
N ILE E 70 33.69 -4.87 -2.38
CA ILE E 70 34.35 -5.02 -3.67
C ILE E 70 35.20 -3.79 -3.97
N THR E 71 36.37 -4.00 -4.55
CA THR E 71 37.22 -2.88 -4.97
C THR E 71 36.49 -2.07 -6.04
N LYS E 72 36.93 -0.82 -6.22
CA LYS E 72 36.35 0.06 -7.23
C LYS E 72 36.45 -0.59 -8.62
N SER E 73 37.62 -1.14 -8.94
CA SER E 73 37.80 -1.79 -10.22
C SER E 73 36.73 -2.88 -10.39
N GLU E 74 36.53 -3.70 -9.38
CA GLU E 74 35.52 -4.71 -9.46
C GLU E 74 34.15 -4.14 -9.67
N ALA E 75 33.81 -3.06 -8.99
CA ALA E 75 32.44 -2.63 -8.98
C ALA E 75 32.11 -2.15 -10.37
N GLN E 76 33.15 -1.85 -11.10
CA GLN E 76 33.07 -0.95 -12.21
C GLN E 76 32.89 -1.81 -13.40
N ALA E 77 33.21 -3.07 -13.20
CA ALA E 77 33.04 -4.06 -14.20
C ALA E 77 31.78 -4.80 -13.96
N LEU E 78 31.01 -4.44 -12.96
CA LEU E 78 29.60 -4.75 -12.95
C LEU E 78 28.73 -3.61 -13.40
N GLY E 79 29.31 -2.66 -14.08
CA GLY E 79 28.57 -1.50 -14.55
C GLY E 79 28.38 -0.41 -13.50
N TRP E 80 29.31 -0.31 -12.55
CA TRP E 80 29.24 0.75 -11.56
C TRP E 80 29.65 2.08 -12.17
N VAL E 81 28.72 3.01 -12.23
CA VAL E 81 29.04 4.37 -12.62
C VAL E 81 28.95 5.22 -11.35
N ALA E 82 30.11 5.59 -10.83
CA ALA E 82 30.20 6.29 -9.56
C ALA E 82 29.26 7.49 -9.49
N SER E 83 29.36 8.37 -10.49
CA SER E 83 28.53 9.58 -10.53
C SER E 83 27.08 9.30 -10.89
N LYS E 84 26.78 8.03 -11.16
CA LYS E 84 25.41 7.60 -11.36
C LYS E 84 24.78 7.13 -10.05
N GLY E 85 25.62 6.67 -9.13
CA GLY E 85 25.16 6.26 -7.81
C GLY E 85 24.45 4.92 -7.84
N ASN E 86 24.97 3.99 -8.63
CA ASN E 86 24.18 2.85 -9.09
C ASN E 86 24.71 1.54 -8.52
N LEU E 87 25.60 1.63 -7.54
CA LEU E 87 26.25 0.45 -6.97
C LEU E 87 25.24 -0.58 -6.47
N ALA E 88 24.19 -0.12 -5.79
CA ALA E 88 23.19 -1.02 -5.22
C ALA E 88 22.43 -1.76 -6.31
N ASP E 89 22.63 -1.35 -7.56
CA ASP E 89 21.88 -1.88 -8.69
C ASP E 89 22.68 -2.94 -9.43
N VAL E 90 23.98 -2.71 -9.52
CA VAL E 90 24.88 -3.63 -10.19
C VAL E 90 25.48 -4.62 -9.19
N ALA E 91 25.54 -4.22 -7.94
CA ALA E 91 25.95 -5.12 -6.86
C ALA E 91 25.12 -4.87 -5.60
N PRO E 92 24.06 -5.64 -5.43
CA PRO E 92 23.21 -5.53 -4.25
C PRO E 92 23.88 -5.97 -2.95
N GLY E 93 23.77 -5.15 -1.92
CA GLY E 93 24.39 -5.47 -0.62
C GLY E 93 25.85 -5.10 -0.50
N LYS E 94 26.52 -4.89 -1.63
CA LYS E 94 27.96 -4.60 -1.63
C LYS E 94 28.30 -3.14 -1.29
N SER E 95 29.52 -2.93 -0.79
CA SER E 95 30.08 -1.60 -0.61
C SER E 95 31.45 -1.57 -1.27
N ILE E 96 31.93 -0.39 -1.64
CA ILE E 96 33.30 -0.30 -2.15
C ILE E 96 34.28 -0.45 -0.99
N GLY E 97 35.38 -1.13 -1.22
CA GLY E 97 36.35 -1.35 -0.17
C GLY E 97 37.42 -2.34 -0.55
N GLY E 98 38.52 -2.29 0.18
CA GLY E 98 39.62 -3.21 -0.02
C GLY E 98 40.76 -2.59 -0.79
N ASP E 99 40.58 -1.35 -1.21
CA ASP E 99 41.56 -0.69 -2.06
C ASP E 99 42.75 -0.12 -1.27
N ILE E 100 43.93 -0.17 -1.87
CA ILE E 100 45.13 0.43 -1.28
C ILE E 100 44.91 1.90 -0.89
N PHE E 101 45.36 2.28 0.30
CA PHE E 101 45.23 3.67 0.77
C PHE E 101 46.62 4.26 1.03
N SER E 102 46.97 5.31 0.29
CA SER E 102 48.32 5.83 0.36
C SER E 102 48.57 6.84 1.48
N ASN E 103 47.55 7.15 2.28
CA ASN E 103 47.78 8.01 3.45
C ASN E 103 48.55 9.24 3.00
N ARG E 104 48.06 9.88 1.96
CA ARG E 104 48.82 10.89 1.21
C ARG E 104 49.11 12.16 1.99
N GLU E 105 48.25 12.51 2.95
CA GLU E 105 48.47 13.67 3.80
C GLU E 105 49.26 13.28 5.04
N GLY E 106 49.66 12.01 5.11
CA GLY E 106 50.41 11.46 6.22
C GLY E 106 49.75 11.70 7.57
N LYS E 107 48.43 11.80 7.57
CA LYS E 107 47.71 11.99 8.85
C LYS E 107 47.63 10.70 9.69
N LEU E 108 47.80 9.54 9.03
CA LEU E 108 47.88 8.26 9.75
C LEU E 108 49.35 7.90 9.96
N PRO E 109 49.67 7.29 11.11
CA PRO E 109 51.04 6.91 11.49
C PRO E 109 51.66 5.90 10.52
N GLY E 110 52.90 6.14 10.12
CA GLY E 110 53.59 5.20 9.25
C GLY E 110 54.49 5.91 8.27
N LYS E 111 55.80 5.66 8.41
CA LYS E 111 56.81 6.22 7.51
C LYS E 111 57.18 7.64 7.92
N MET F 1 37.69 15.11 -22.73
CA MET F 1 36.56 15.77 -23.45
C MET F 1 35.84 16.74 -22.51
N LYS F 2 35.42 16.22 -21.36
CA LYS F 2 35.15 17.05 -20.20
C LYS F 2 36.47 17.75 -19.84
N LYS F 3 36.39 18.99 -19.40
CA LYS F 3 37.60 19.80 -19.18
C LYS F 3 37.56 20.46 -17.82
N ALA F 4 38.60 20.23 -17.01
CA ALA F 4 38.75 20.95 -15.74
C ALA F 4 39.88 21.96 -15.89
N VAL F 5 39.58 23.21 -15.61
CA VAL F 5 40.56 24.28 -15.78
C VAL F 5 40.98 24.85 -14.42
N ILE F 6 42.28 25.07 -14.26
CA ILE F 6 42.79 25.79 -13.11
C ILE F 6 43.59 26.99 -13.59
N ASN F 7 43.20 28.18 -13.16
CA ASN F 7 43.99 29.38 -13.43
C ASN F 7 44.99 29.60 -12.29
N GLY F 8 46.17 29.01 -12.44
CA GLY F 8 47.15 28.96 -11.36
C GLY F 8 47.36 30.24 -10.58
N GLU F 9 47.49 31.36 -11.29
CA GLU F 9 47.85 32.65 -10.67
C GLU F 9 46.74 33.19 -9.76
N GLN F 10 45.55 32.61 -9.85
CA GLN F 10 44.40 33.07 -9.06
C GLN F 10 44.22 32.26 -7.80
N ILE F 11 45.02 31.21 -7.64
CA ILE F 11 44.92 30.35 -6.47
C ILE F 11 45.33 31.15 -5.23
N ARG F 12 44.54 31.03 -4.17
CA ARG F 12 44.81 31.78 -2.94
C ARG F 12 45.49 30.91 -1.92
N SER F 13 45.29 29.60 -2.02
CA SER F 13 45.87 28.65 -1.08
C SER F 13 45.55 27.23 -1.53
N ILE F 14 46.08 26.25 -0.80
CA ILE F 14 45.82 24.84 -1.12
C ILE F 14 44.32 24.55 -1.05
N SER F 15 43.63 25.19 -0.11
CA SER F 15 42.19 25.03 0.03
C SER F 15 41.44 25.56 -1.19
N ASP F 16 41.85 26.75 -1.62
CA ASP F 16 41.23 27.39 -2.77
C ASP F 16 41.43 26.54 -4.01
N LEU F 17 42.61 25.92 -4.13
CA LEU F 17 42.87 24.98 -5.21
C LEU F 17 41.93 23.79 -5.12
N HIS F 18 41.72 23.27 -3.92
CA HIS F 18 40.80 22.14 -3.73
C HIS F 18 39.36 22.51 -4.06
N GLN F 19 38.96 23.72 -3.68
CA GLN F 19 37.63 24.21 -4.01
C GLN F 19 37.43 24.39 -5.52
N THR F 20 38.46 24.88 -6.21
CA THR F 20 38.44 24.95 -7.66
C THR F 20 38.25 23.56 -8.28
N LEU F 21 38.99 22.57 -7.77
CA LEU F 21 38.85 21.19 -8.21
C LEU F 21 37.43 20.68 -8.00
N LYS F 22 36.89 20.92 -6.81
CA LYS F 22 35.52 20.55 -6.50
C LYS F 22 34.52 21.12 -7.51
N LYS F 23 34.75 22.36 -7.93
CA LYS F 23 33.87 23.04 -8.86
C LYS F 23 34.07 22.50 -10.28
N GLU F 24 35.33 22.39 -10.70
CA GLU F 24 35.64 21.99 -12.07
C GLU F 24 35.31 20.53 -12.32
N LEU F 25 35.46 19.70 -11.31
CA LEU F 25 35.23 18.28 -11.44
C LEU F 25 33.83 17.90 -10.99
N ALA F 26 33.09 18.90 -10.49
CA ALA F 26 31.71 18.70 -10.06
C ALA F 26 31.67 17.60 -9.02
N LEU F 27 32.51 17.76 -8.00
CA LEU F 27 32.64 16.74 -6.96
C LEU F 27 31.54 16.92 -5.94
N PRO F 28 31.20 15.84 -5.21
CA PRO F 28 30.16 15.85 -4.21
C PRO F 28 30.38 16.91 -3.13
N GLU F 29 29.29 17.35 -2.52
CA GLU F 29 29.33 18.43 -1.53
C GLU F 29 30.26 18.17 -0.36
N TYR F 30 30.41 16.90 0.03
CA TYR F 30 31.27 16.52 1.14
C TYR F 30 32.75 16.29 0.76
N TYR F 31 33.13 16.68 -0.45
CA TYR F 31 34.54 16.60 -0.85
C TYR F 31 35.50 17.11 0.22
N GLY F 32 36.41 16.25 0.66
CA GLY F 32 37.25 16.54 1.80
C GLY F 32 38.36 17.58 1.60
N GLU F 33 38.59 18.00 0.37
CA GLU F 33 39.60 19.02 0.07
C GLU F 33 40.98 18.64 0.64
N ASN F 34 41.38 17.41 0.37
CA ASN F 34 42.67 16.90 0.78
C ASN F 34 43.10 15.88 -0.26
N LEU F 35 44.33 15.39 -0.18
CA LEU F 35 44.89 14.57 -1.24
C LEU F 35 44.21 13.19 -1.29
N ASP F 36 43.79 12.71 -0.13
CA ASP F 36 43.12 11.41 -0.06
C ASP F 36 41.70 11.48 -0.63
N ALA F 37 41.01 12.57 -0.33
CA ALA F 37 39.70 12.84 -0.90
C ALA F 37 39.82 12.93 -2.41
N LEU F 38 40.82 13.65 -2.89
CA LEU F 38 41.03 13.82 -4.32
C LEU F 38 41.23 12.47 -5.00
N TRP F 39 42.09 11.64 -4.42
CA TRP F 39 42.34 10.32 -4.96
C TRP F 39 41.05 9.50 -5.05
N ASP F 40 40.20 9.63 -4.04
CA ASP F 40 38.93 8.90 -3.95
C ASP F 40 38.00 9.35 -5.07
N CYS F 41 38.01 10.65 -5.35
CA CYS F 41 37.15 11.22 -6.39
C CYS F 41 37.66 10.86 -7.78
N LEU F 42 38.97 10.85 -7.95
CA LEU F 42 39.55 10.49 -9.23
C LEU F 42 39.33 9.02 -9.58
N THR F 43 39.33 8.16 -8.60
CA THR F 43 39.19 6.73 -8.83
C THR F 43 37.81 6.18 -8.64
N GLY F 44 36.95 6.92 -8.00
CA GLY F 44 35.60 6.48 -7.81
C GLY F 44 34.58 7.59 -7.85
N TRP F 45 34.65 8.40 -8.87
CA TRP F 45 33.68 9.41 -9.09
C TRP F 45 33.79 10.06 -10.44
N VAL F 46 34.92 10.67 -10.75
CA VAL F 46 35.07 11.39 -12.00
C VAL F 46 34.93 10.46 -13.19
N GLU F 47 34.28 10.96 -14.25
CA GLU F 47 34.13 10.20 -15.48
C GLU F 47 35.17 10.63 -16.50
N TYR F 48 35.74 9.65 -17.19
CA TYR F 48 36.78 9.92 -18.16
C TYR F 48 36.28 9.67 -19.58
N PRO F 49 37.00 10.20 -20.59
CA PRO F 49 38.26 10.94 -20.55
C PRO F 49 38.17 12.31 -19.86
N LEU F 50 39.27 12.76 -19.28
CA LEU F 50 39.35 14.07 -18.65
C LEU F 50 40.58 14.84 -19.15
N VAL F 51 40.40 16.10 -19.50
CA VAL F 51 41.52 16.99 -19.78
C VAL F 51 41.70 17.94 -18.60
N LEU F 52 42.84 17.85 -17.92
CA LEU F 52 43.17 18.79 -16.84
C LEU F 52 44.09 19.88 -17.39
N GLU F 53 43.59 21.11 -17.47
CA GLU F 53 44.37 22.22 -17.99
C GLU F 53 44.79 23.13 -16.85
N TRP F 54 45.99 22.91 -16.34
CA TRP F 54 46.52 23.63 -15.22
C TRP F 54 47.39 24.79 -15.70
N ARG F 55 46.80 25.98 -15.80
CA ARG F 55 47.50 27.18 -16.24
C ARG F 55 48.36 27.76 -15.14
N GLN F 56 49.48 28.37 -15.51
CA GLN F 56 50.36 29.03 -14.54
C GLN F 56 50.72 28.07 -13.41
N PHE F 57 51.17 26.87 -13.78
CA PHE F 57 51.47 25.85 -12.80
C PHE F 57 52.53 26.27 -11.77
N GLU F 58 53.63 26.87 -12.22
CA GLU F 58 54.71 27.25 -11.29
C GLU F 58 54.28 28.33 -10.30
N GLN F 59 53.40 29.21 -10.74
CA GLN F 59 52.75 30.19 -9.87
C GLN F 59 51.95 29.47 -8.79
N SER F 60 51.21 28.44 -9.19
CA SER F 60 50.42 27.61 -8.28
C SER F 60 51.22 27.07 -7.10
N LYS F 61 52.41 26.55 -7.37
CA LYS F 61 53.25 26.00 -6.30
C LYS F 61 53.56 27.06 -5.25
N GLN F 62 53.94 28.25 -5.71
CA GLN F 62 54.19 29.38 -4.82
C GLN F 62 52.96 29.74 -4.00
N LEU F 63 51.79 29.73 -4.63
CA LEU F 63 50.55 30.13 -3.98
C LEU F 63 49.93 29.04 -3.12
N THR F 64 50.56 27.87 -3.05
CA THR F 64 50.00 26.77 -2.24
C THR F 64 51.05 26.13 -1.35
N GLU F 65 52.12 26.83 -1.12
CA GLU F 65 53.21 26.31 -0.34
C GLU F 65 53.67 24.96 -0.82
N ASN F 66 53.63 24.75 -2.12
CA ASN F 66 54.09 23.54 -2.77
C ASN F 66 53.14 22.38 -2.67
N GLY F 67 51.96 22.64 -2.17
CA GLY F 67 50.87 21.72 -2.20
C GLY F 67 50.39 21.40 -3.58
N ALA F 68 50.64 22.29 -4.53
CA ALA F 68 50.29 22.09 -5.95
C ALA F 68 50.94 20.85 -6.56
N GLU F 69 52.18 20.59 -6.16
CA GLU F 69 52.96 19.46 -6.67
C GLU F 69 52.36 18.12 -6.22
N SER F 70 51.91 18.06 -4.97
CA SER F 70 51.24 16.88 -4.42
C SER F 70 49.91 16.62 -5.11
N VAL F 71 49.17 17.69 -5.38
CA VAL F 71 47.89 17.57 -6.07
C VAL F 71 48.14 17.02 -7.47
N LEU F 72 49.17 17.54 -8.12
CA LEU F 72 49.55 17.06 -9.43
C LEU F 72 49.90 15.58 -9.37
N GLN F 73 50.73 15.21 -8.40
CA GLN F 73 51.18 13.84 -8.26
C GLN F 73 50.01 12.87 -8.21
N VAL F 74 48.92 13.27 -7.57
CA VAL F 74 47.69 12.48 -7.50
C VAL F 74 47.05 12.25 -8.86
N PHE F 75 47.04 13.29 -9.70
CA PHE F 75 46.53 13.17 -11.06
C PHE F 75 47.46 12.29 -11.90
N ARG F 76 48.76 12.39 -11.64
CA ARG F 76 49.74 11.54 -12.31
C ARG F 76 49.52 10.07 -11.95
N GLU F 77 49.20 9.83 -10.68
CA GLU F 77 48.93 8.49 -10.17
C GLU F 77 47.67 7.89 -10.76
N ALA F 78 46.60 8.67 -10.77
CA ALA F 78 45.34 8.22 -11.37
C ALA F 78 45.56 7.89 -12.85
N LYS F 79 46.35 8.73 -13.50
CA LYS F 79 46.71 8.56 -14.90
C LYS F 79 47.43 7.23 -15.09
N ALA F 80 48.35 6.94 -14.17
CA ALA F 80 49.11 5.69 -14.18
C ALA F 80 48.27 4.46 -13.81
N GLU F 81 47.21 4.68 -13.04
CA GLU F 81 46.29 3.59 -12.68
C GLU F 81 45.35 3.27 -13.85
N GLY F 82 45.45 4.04 -14.93
CA GLY F 82 44.67 3.76 -16.14
C GLY F 82 43.56 4.75 -16.45
N CYS F 83 43.40 5.76 -15.60
CA CYS F 83 42.40 6.80 -15.84
C CYS F 83 42.80 7.67 -17.03
N ASP F 84 41.88 7.81 -17.98
CA ASP F 84 42.15 8.57 -19.20
C ASP F 84 42.14 10.08 -18.93
N ILE F 85 43.25 10.57 -18.40
CA ILE F 85 43.40 11.98 -18.07
C ILE F 85 44.49 12.59 -18.91
N THR F 86 44.17 13.65 -19.61
CA THR F 86 45.19 14.44 -20.25
C THR F 86 45.59 15.58 -19.31
N ILE F 87 46.87 15.65 -18.98
CA ILE F 87 47.35 16.68 -18.10
C ILE F 87 48.12 17.72 -18.90
N ILE F 88 47.62 18.96 -18.85
CA ILE F 88 48.27 20.08 -19.51
C ILE F 88 48.83 21.01 -18.45
N LEU F 89 50.16 21.06 -18.38
CA LEU F 89 50.86 21.97 -17.49
C LEU F 89 51.40 23.18 -18.24
N SER F 90 50.70 24.31 -18.16
CA SER F 90 51.22 25.54 -18.73
C SER F 90 51.45 26.60 -17.64
N SER G 1 -25.13 8.41 -27.50
CA SER G 1 -25.07 9.45 -26.48
C SER G 1 -24.45 10.73 -27.03
N GLY G 2 -24.03 11.55 -26.18
CA GLY G 2 -23.18 12.66 -26.55
C GLY G 2 -21.71 12.38 -26.50
N ARG G 3 -20.96 13.41 -26.16
CA ARG G 3 -19.53 13.37 -26.23
C ARG G 3 -18.90 12.71 -25.04
N THR G 4 -17.74 12.17 -25.28
CA THR G 4 -16.88 11.64 -24.23
C THR G 4 -15.56 12.37 -24.34
N TRP G 5 -14.78 12.35 -23.27
CA TRP G 5 -13.53 13.08 -23.20
C TRP G 5 -12.38 12.18 -22.77
N ARG G 6 -11.17 12.58 -23.11
CA ARG G 6 -9.97 11.96 -22.56
C ARG G 6 -9.03 13.06 -22.14
N GLU G 7 -8.02 12.69 -21.36
CA GLU G 7 -7.06 13.67 -20.86
C GLU G 7 -5.64 13.17 -21.04
N ALA G 8 -4.70 14.12 -21.03
CA ALA G 8 -3.29 13.82 -21.12
C ALA G 8 -2.48 14.90 -20.42
N ASP G 9 -1.38 14.50 -19.81
CA ASP G 9 -0.47 15.45 -19.20
C ASP G 9 0.22 16.25 -20.27
N ILE G 10 0.51 17.52 -19.97
CA ILE G 10 1.32 18.35 -20.84
C ILE G 10 2.45 19.02 -20.05
N ASN G 11 3.52 19.41 -20.75
CA ASN G 11 4.68 20.06 -20.15
C ASN G 11 5.43 19.19 -19.14
N TYR G 12 5.28 17.87 -19.25
CA TYR G 12 5.96 16.96 -18.36
C TYR G 12 7.31 16.47 -18.92
N THR G 13 8.33 16.55 -18.09
CA THR G 13 9.66 16.09 -18.48
C THR G 13 10.23 14.97 -17.59
N SER G 14 10.32 15.23 -16.29
CA SER G 14 10.62 14.17 -15.32
C SER G 14 10.15 14.53 -13.91
N GLY G 15 10.24 13.55 -13.01
CA GLY G 15 9.89 13.75 -11.61
C GLY G 15 8.39 13.63 -11.39
N PHE G 16 7.87 14.45 -10.49
CA PHE G 16 6.45 14.45 -10.17
C PHE G 16 5.64 15.11 -11.30
N ARG G 17 4.50 14.52 -11.63
CA ARG G 17 3.56 15.13 -12.57
C ARG G 17 3.23 16.56 -12.15
N ASN G 18 2.85 17.38 -13.12
CA ASN G 18 2.49 18.77 -12.86
C ASN G 18 0.97 18.96 -12.94
N SER G 19 0.51 20.20 -12.88
CA SER G 19 -0.93 20.46 -12.84
C SER G 19 -1.54 20.71 -14.21
N ASP G 20 -0.75 20.49 -15.26
CA ASP G 20 -1.12 20.81 -16.63
C ASP G 20 -1.66 19.61 -17.41
N ARG G 21 -2.84 19.79 -18.00
CA ARG G 21 -3.48 18.73 -18.76
C ARG G 21 -4.08 19.26 -20.04
N ILE G 22 -4.14 18.41 -21.06
CA ILE G 22 -4.93 18.70 -22.23
C ILE G 22 -6.14 17.77 -22.22
N LEU G 23 -7.30 18.32 -22.56
CA LEU G 23 -8.57 17.60 -22.55
C LEU G 23 -9.13 17.59 -23.97
N TYR G 24 -9.43 16.41 -24.49
CA TYR G 24 -9.90 16.29 -25.85
C TYR G 24 -11.09 15.34 -25.98
N SER G 25 -12.10 15.76 -26.74
CA SER G 25 -13.32 14.97 -26.84
C SER G 25 -13.33 14.06 -28.07
N SER G 26 -14.33 13.17 -28.11
CA SER G 26 -14.55 12.27 -29.24
C SER G 26 -14.78 13.02 -30.55
N ASP G 27 -15.36 14.22 -30.45
CA ASP G 27 -15.53 15.06 -31.62
C ASP G 27 -14.45 16.16 -31.65
N TRP G 28 -13.34 15.86 -30.99
CA TRP G 28 -12.09 16.61 -31.12
C TRP G 28 -12.12 18.08 -30.75
N LEU G 29 -12.98 18.42 -29.81
CA LEU G 29 -12.84 19.64 -29.04
C LEU G 29 -11.62 19.48 -28.14
N ILE G 30 -10.91 20.58 -27.90
CA ILE G 30 -9.69 20.55 -27.11
C ILE G 30 -9.66 21.71 -26.12
N TYR G 31 -9.43 21.38 -24.86
CA TYR G 31 -9.30 22.36 -23.80
C TYR G 31 -7.98 22.09 -23.08
N LYS G 32 -7.43 23.10 -22.42
CA LYS G 32 -6.33 22.86 -21.53
C LYS G 32 -6.60 23.42 -20.14
N THR G 33 -5.89 22.88 -19.17
CA THR G 33 -5.91 23.43 -17.83
C THR G 33 -4.46 23.43 -17.37
N THR G 34 -4.09 24.45 -16.61
CA THR G 34 -2.78 24.50 -16.00
C THR G 34 -2.95 24.76 -14.51
N ASP G 35 -4.17 24.59 -14.02
CA ASP G 35 -4.44 24.74 -12.59
C ASP G 35 -5.13 23.49 -12.03
N HIS G 36 -4.78 22.33 -12.58
CA HIS G 36 -5.30 21.05 -12.07
C HIS G 36 -6.83 20.99 -12.10
N TYR G 37 -7.38 21.35 -13.26
CA TYR G 37 -8.80 21.19 -13.59
C TYR G 37 -9.73 22.23 -12.97
N GLN G 38 -9.20 23.25 -12.30
CA GLN G 38 -10.04 24.28 -11.71
C GLN G 38 -10.71 25.09 -12.81
N THR G 39 -9.91 25.47 -13.80
CA THR G 39 -10.39 26.20 -14.97
C THR G 39 -9.85 25.59 -16.24
N PHE G 40 -10.59 25.75 -17.33
CA PHE G 40 -10.21 25.23 -18.62
C PHE G 40 -10.27 26.34 -19.65
N THR G 41 -9.39 26.26 -20.64
CA THR G 41 -9.37 27.19 -21.76
C THR G 41 -9.55 26.38 -23.05
N LYS G 42 -10.43 26.87 -23.92
CA LYS G 42 -10.64 26.23 -25.22
C LYS G 42 -9.50 26.58 -26.18
N ILE G 43 -8.98 25.56 -26.85
CA ILE G 43 -8.11 25.76 -28.02
C ILE G 43 -9.00 25.63 -29.25
N ARG G 44 -9.13 26.69 -30.04
CA ARG G 44 -10.10 26.75 -31.15
C ARG G 44 -9.82 25.94 -32.43
N CYS G 45 -8.78 26.25 -33.15
CA CYS G 45 -8.63 25.81 -34.54
C CYS G 45 -7.60 26.56 -35.32
N VAL G 55 1.15 19.39 -28.66
CA VAL G 55 0.28 18.26 -28.35
C VAL G 55 -1.11 18.54 -28.89
N ALA G 56 -1.58 19.76 -28.68
CA ALA G 56 -2.90 20.19 -29.12
C ALA G 56 -2.97 20.21 -30.65
N ASP G 57 -1.93 20.79 -31.27
CA ASP G 57 -1.78 20.74 -32.72
C ASP G 57 -1.67 19.29 -33.22
N TYR G 58 -0.87 18.48 -32.53
CA TYR G 58 -0.75 17.06 -32.91
C TYR G 58 -2.09 16.34 -32.88
N LEU G 59 -2.90 16.64 -31.86
CA LEU G 59 -4.19 15.98 -31.68
C LEU G 59 -5.19 16.29 -32.79
N GLN G 60 -5.19 17.55 -33.24
CA GLN G 60 -6.10 18.02 -34.29
C GLN G 60 -6.04 17.20 -35.60
N THR G 61 -4.84 16.82 -36.01
CA THR G 61 -4.64 16.18 -37.32
C THR G 61 -4.65 14.65 -37.27
N TYR G 62 -3.84 14.09 -36.38
CA TYR G 62 -3.70 12.63 -36.30
C TYR G 62 -4.84 12.02 -35.51
N HIS G 63 -5.54 12.87 -34.76
CA HIS G 63 -6.63 12.43 -33.92
C HIS G 63 -6.22 11.26 -33.03
N LYS G 64 -5.02 11.39 -32.47
CA LYS G 64 -4.51 10.46 -31.47
C LYS G 64 -3.40 11.18 -30.73
N LEU G 65 -3.01 10.64 -29.60
CA LEU G 65 -1.89 11.18 -28.85
C LEU G 65 -0.58 10.79 -29.51
N PRO G 66 0.46 11.62 -29.37
CA PRO G 66 1.80 11.24 -29.80
C PRO G 66 2.26 9.96 -29.08
N ASP G 67 3.36 9.38 -29.57
CA ASP G 67 3.85 8.06 -29.11
C ASP G 67 4.40 8.03 -27.68
N ASN G 68 4.73 9.20 -27.14
CA ASN G 68 5.32 9.26 -25.80
C ASN G 68 4.30 9.23 -24.64
N TYR G 69 3.09 8.74 -24.92
CA TYR G 69 2.02 8.73 -23.91
C TYR G 69 1.61 7.32 -23.48
N ILE G 70 1.51 7.12 -22.17
CA ILE G 70 1.02 5.88 -21.61
C ILE G 70 -0.03 6.17 -20.56
N THR G 71 -1.04 5.30 -20.48
CA THR G 71 -2.09 5.46 -19.51
C THR G 71 -1.52 5.21 -18.13
N LYS G 72 -2.22 5.70 -17.11
CA LYS G 72 -1.81 5.50 -15.73
C LYS G 72 -1.60 4.03 -15.41
N SER G 73 -2.56 3.19 -15.77
CA SER G 73 -2.45 1.77 -15.47
C SER G 73 -1.23 1.13 -16.14
N GLU G 74 -0.95 1.54 -17.37
CA GLU G 74 0.24 1.05 -18.07
C GLU G 74 1.52 1.50 -17.35
N ALA G 75 1.53 2.73 -16.84
CA ALA G 75 2.66 3.19 -16.04
C ALA G 75 2.76 2.40 -14.73
N GLN G 76 1.61 2.07 -14.14
CA GLN G 76 1.56 1.23 -12.95
C GLN G 76 2.28 -0.10 -13.18
N ALA G 77 1.89 -0.81 -14.24
CA ALA G 77 2.45 -2.13 -14.57
C ALA G 77 3.95 -2.09 -14.81
N LEU G 78 4.46 -0.93 -15.23
CA LEU G 78 5.88 -0.72 -15.42
C LEU G 78 6.56 -0.36 -14.10
N GLY G 79 5.76 -0.28 -13.03
CA GLY G 79 6.30 -0.02 -11.70
C GLY G 79 6.37 1.45 -11.31
N TRP G 80 5.54 2.27 -11.94
CA TRP G 80 5.47 3.70 -11.60
C TRP G 80 4.79 3.89 -10.25
N VAL G 81 5.47 4.65 -9.38
CA VAL G 81 4.93 5.00 -8.07
C VAL G 81 4.83 6.52 -8.08
N ALA G 82 3.63 7.00 -8.42
CA ALA G 82 3.39 8.43 -8.60
C ALA G 82 3.94 9.26 -7.45
N SER G 83 3.69 8.81 -6.23
CA SER G 83 4.16 9.53 -5.04
C SER G 83 5.67 9.46 -4.84
N LYS G 84 6.39 8.66 -5.58
CA LYS G 84 7.85 8.72 -5.59
C LYS G 84 8.43 9.56 -6.72
N GLY G 85 7.69 9.71 -7.80
CA GLY G 85 8.09 10.64 -8.80
C GLY G 85 8.86 10.04 -9.93
N ASN G 86 8.62 8.77 -10.17
CA ASN G 86 9.63 7.87 -10.62
C ASN G 86 9.39 7.46 -12.04
N LEU G 87 8.70 8.31 -12.76
CA LEU G 87 8.12 7.94 -14.04
C LEU G 87 9.16 7.82 -15.14
N ALA G 88 10.11 8.72 -15.14
CA ALA G 88 11.12 8.82 -16.19
C ALA G 88 12.19 7.74 -16.01
N ASP G 89 12.02 6.98 -14.95
CA ASP G 89 12.89 5.88 -14.64
C ASP G 89 12.33 4.54 -15.07
N VAL G 90 11.03 4.37 -14.89
CA VAL G 90 10.36 3.13 -15.29
C VAL G 90 10.00 3.20 -16.77
N ALA G 91 9.66 4.39 -17.25
CA ALA G 91 9.26 4.58 -18.63
C ALA G 91 9.83 5.86 -19.21
N PRO G 92 11.06 5.77 -19.72
CA PRO G 92 11.80 6.96 -20.17
C PRO G 92 11.15 7.60 -21.39
N GLY G 93 11.08 8.93 -21.38
CA GLY G 93 10.51 9.65 -22.49
C GLY G 93 9.02 9.79 -22.44
N LYS G 94 8.41 9.28 -21.41
CA LYS G 94 6.97 9.11 -21.41
C LYS G 94 6.23 10.12 -20.53
N SER G 95 5.02 10.47 -20.94
CA SER G 95 4.08 11.20 -20.06
C SER G 95 2.84 10.35 -19.86
N ILE G 96 2.09 10.63 -18.79
CA ILE G 96 0.76 10.02 -18.61
C ILE G 96 -0.28 10.65 -19.55
N GLY G 97 -1.07 9.82 -20.22
CA GLY G 97 -2.09 10.34 -21.12
C GLY G 97 -2.97 9.28 -21.74
N GLY G 98 -4.17 9.69 -22.17
CA GLY G 98 -5.08 8.80 -22.89
C GLY G 98 -6.21 8.21 -22.07
N ASP G 99 -6.25 8.56 -20.79
CA ASP G 99 -7.29 8.01 -19.93
C ASP G 99 -8.61 8.73 -20.16
N ILE G 100 -9.72 8.04 -19.93
CA ILE G 100 -11.04 8.63 -20.01
C ILE G 100 -11.13 9.77 -19.02
N PHE G 101 -11.71 10.89 -19.44
CA PHE G 101 -11.93 12.02 -18.56
C PHE G 101 -13.42 12.23 -18.40
N SER G 102 -13.89 12.13 -17.16
CA SER G 102 -15.32 12.15 -16.89
C SER G 102 -15.91 13.56 -16.73
N ASN G 103 -15.08 14.60 -16.79
CA ASN G 103 -15.64 15.95 -16.77
C ASN G 103 -16.61 16.10 -15.60
N ARG G 104 -16.13 15.74 -14.41
CA ARG G 104 -16.98 15.57 -13.23
C ARG G 104 -17.62 16.85 -12.72
N GLU G 105 -16.97 17.98 -12.97
CA GLU G 105 -17.47 19.26 -12.52
C GLU G 105 -18.34 19.90 -13.61
N GLY G 106 -18.36 19.28 -14.78
CA GLY G 106 -19.19 19.73 -15.90
C GLY G 106 -18.75 21.07 -16.44
N LYS G 107 -17.47 21.38 -16.27
CA LYS G 107 -16.89 22.63 -16.78
C LYS G 107 -16.69 22.56 -18.28
N LEU G 108 -16.55 21.35 -18.82
CA LEU G 108 -16.48 21.17 -20.27
C LEU G 108 -17.87 20.92 -20.85
N PRO G 109 -18.10 21.32 -22.10
CA PRO G 109 -19.31 20.88 -22.78
C PRO G 109 -19.11 19.41 -23.19
N GLY G 110 -20.09 18.58 -23.05
CA GLY G 110 -21.41 18.90 -22.54
C GLY G 110 -21.98 17.79 -21.69
N LYS G 111 -23.16 17.29 -22.01
CA LYS G 111 -23.85 16.21 -21.30
C LYS G 111 -25.13 16.71 -20.64
N LYS H 2 -2.68 2.63 5.20
CA LYS H 2 -2.89 4.08 5.41
C LYS H 2 -4.36 4.40 5.70
N LYS H 3 -4.57 5.48 6.42
CA LYS H 3 -5.91 5.89 6.82
C LYS H 3 -6.05 7.39 6.60
N ALA H 4 -7.03 7.78 5.79
CA ALA H 4 -7.44 9.18 5.69
C ALA H 4 -8.70 9.40 6.54
N VAL H 5 -8.64 10.35 7.46
CA VAL H 5 -9.76 10.60 8.35
C VAL H 5 -10.47 11.90 8.02
N ILE H 6 -11.79 11.84 7.94
CA ILE H 6 -12.62 13.03 7.83
C ILE H 6 -13.52 13.08 9.05
N ASN H 7 -13.39 14.14 9.85
CA ASN H 7 -14.37 14.43 10.91
C ASN H 7 -15.46 15.33 10.32
N GLY H 8 -16.54 14.71 9.86
CA GLY H 8 -17.55 15.42 9.08
C GLY H 8 -18.12 16.69 9.68
N GLU H 9 -18.31 16.71 11.01
CA GLU H 9 -19.01 17.79 11.70
C GLU H 9 -18.16 19.06 11.76
N GLN H 10 -16.90 18.94 11.35
CA GLN H 10 -15.95 20.02 11.42
C GLN H 10 -15.69 20.62 10.06
N ILE H 11 -16.23 20.01 9.01
CA ILE H 11 -16.11 20.55 7.66
C ILE H 11 -16.90 21.87 7.58
N ARG H 12 -16.30 22.89 6.99
CA ARG H 12 -16.96 24.19 6.88
C ARG H 12 -17.62 24.40 5.53
N SER H 13 -17.07 23.76 4.50
CA SER H 13 -17.50 23.97 3.12
C SER H 13 -16.89 22.89 2.22
N ILE H 14 -17.32 22.86 0.96
CA ILE H 14 -16.74 21.91 0.00
C ILE H 14 -15.23 22.09 -0.17
N SER H 15 -14.76 23.34 -0.12
CA SER H 15 -13.32 23.60 -0.26
C SER H 15 -12.54 23.06 0.95
N ASP H 16 -13.13 23.21 2.14
CA ASP H 16 -12.53 22.73 3.37
C ASP H 16 -12.44 21.19 3.41
N LEU H 17 -13.42 20.54 2.79
CA LEU H 17 -13.37 19.09 2.63
C LEU H 17 -12.18 18.73 1.74
N HIS H 18 -12.01 19.48 0.66
CA HIS H 18 -10.89 19.23 -0.25
C HIS H 18 -9.54 19.47 0.40
N GLN H 19 -9.48 20.42 1.33
CA GLN H 19 -8.22 20.71 2.02
C GLN H 19 -7.91 19.65 3.08
N THR H 20 -8.96 19.02 3.61
CA THR H 20 -8.80 17.90 4.53
C THR H 20 -8.26 16.70 3.78
N LEU H 21 -8.85 16.41 2.62
CA LEU H 21 -8.34 15.36 1.74
C LEU H 21 -6.89 15.58 1.37
N LYS H 22 -6.55 16.78 0.93
CA LYS H 22 -5.18 17.12 0.52
C LYS H 22 -4.17 16.79 1.62
N LYS H 23 -4.53 17.13 2.85
CA LYS H 23 -3.71 16.85 4.02
C LYS H 23 -3.69 15.35 4.34
N GLU H 24 -4.86 14.73 4.45
CA GLU H 24 -4.93 13.31 4.80
C GLU H 24 -4.27 12.37 3.78
N LEU H 25 -4.39 12.72 2.51
CA LEU H 25 -3.83 11.88 1.45
C LEU H 25 -2.48 12.41 0.99
N ALA H 26 -1.98 13.42 1.69
CA ALA H 26 -0.70 14.06 1.38
C ALA H 26 -0.55 14.38 -0.10
N LEU H 27 -1.54 15.10 -0.63
CA LEU H 27 -1.59 15.46 -2.03
C LEU H 27 -0.66 16.60 -2.36
N PRO H 28 -0.23 16.68 -3.63
CA PRO H 28 0.66 17.72 -4.10
C PRO H 28 0.08 19.09 -3.79
N GLU H 29 0.96 20.09 -3.68
CA GLU H 29 0.59 21.46 -3.31
C GLU H 29 -0.35 22.13 -4.33
N TYR H 30 -0.24 21.71 -5.58
CA TYR H 30 -1.08 22.26 -6.63
C TYR H 30 -2.44 21.56 -6.75
N TYR H 31 -2.73 20.62 -5.85
CA TYR H 31 -4.03 19.94 -5.84
C TYR H 31 -5.19 20.89 -6.10
N GLY H 32 -5.96 20.62 -7.15
CA GLY H 32 -6.97 21.56 -7.61
C GLY H 32 -8.27 21.67 -6.84
N GLU H 33 -8.44 20.90 -5.77
CA GLU H 33 -9.64 20.98 -4.92
C GLU H 33 -10.96 20.97 -5.70
N ASN H 34 -11.06 20.00 -6.61
CA ASN H 34 -12.28 19.77 -7.36
C ASN H 34 -12.35 18.26 -7.64
N LEU H 35 -13.45 17.82 -8.24
CA LEU H 35 -13.72 16.38 -8.39
C LEU H 35 -12.81 15.71 -9.44
N ASP H 36 -12.37 16.50 -10.42
CA ASP H 36 -11.43 16.03 -11.42
C ASP H 36 -10.01 15.95 -10.86
N ALA H 37 -9.67 16.89 -9.98
CA ALA H 37 -8.37 16.86 -9.32
C ALA H 37 -8.31 15.66 -8.39
N LEU H 38 -9.40 15.44 -7.66
CA LEU H 38 -9.48 14.32 -6.72
C LEU H 38 -9.33 12.98 -7.45
N TRP H 39 -10.07 12.80 -8.54
CA TRP H 39 -9.93 11.59 -9.35
C TRP H 39 -8.49 11.41 -9.85
N ASP H 40 -7.86 12.48 -10.33
CA ASP H 40 -6.47 12.42 -10.76
C ASP H 40 -5.54 11.92 -9.65
N CYS H 41 -5.78 12.36 -8.41
CA CYS H 41 -4.97 11.92 -7.28
C CYS H 41 -5.23 10.48 -6.83
N LEU H 42 -6.49 10.08 -6.77
CA LEU H 42 -6.81 8.72 -6.34
C LEU H 42 -6.24 7.73 -7.34
N THR H 43 -6.17 8.16 -8.58
CA THR H 43 -5.94 7.25 -9.67
C THR H 43 -4.50 7.39 -10.16
N GLY H 44 -3.82 8.42 -9.68
CA GLY H 44 -2.45 8.69 -10.07
C GLY H 44 -1.48 9.03 -8.95
N TRP H 45 -2.00 9.33 -7.76
CA TRP H 45 -1.11 9.77 -6.68
C TRP H 45 -1.10 8.86 -5.46
N VAL H 46 -2.30 8.52 -5.01
CA VAL H 46 -2.44 7.79 -3.77
C VAL H 46 -1.94 6.36 -3.91
N GLU H 47 -1.17 5.92 -2.93
CA GLU H 47 -0.74 4.54 -2.83
C GLU H 47 -1.76 3.78 -2.01
N TYR H 48 -1.99 2.52 -2.39
CA TYR H 48 -2.99 1.70 -1.74
C TYR H 48 -2.32 0.49 -1.08
N PRO H 49 -3.00 -0.16 -0.11
CA PRO H 49 -4.38 0.04 0.34
C PRO H 49 -4.64 1.35 1.10
N LEU H 50 -5.90 1.75 1.13
CA LEU H 50 -6.29 2.99 1.77
C LEU H 50 -7.59 2.77 2.51
N VAL H 51 -7.61 3.14 3.79
CA VAL H 51 -8.88 3.21 4.50
C VAL H 51 -9.34 4.66 4.60
N LEU H 52 -10.53 4.93 4.04
CA LEU H 52 -11.15 6.24 4.13
C LEU H 52 -12.20 6.21 5.25
N GLU H 53 -11.89 6.81 6.38
CA GLU H 53 -12.82 6.86 7.49
C GLU H 53 -13.55 8.20 7.48
N TRP H 54 -14.77 8.19 6.94
CA TRP H 54 -15.55 9.40 6.85
C TRP H 54 -16.55 9.48 8.02
N ARG H 55 -16.15 10.12 9.10
CA ARG H 55 -17.01 10.27 10.27
C ARG H 55 -18.06 11.36 10.06
N GLN H 56 -19.24 11.16 10.66
CA GLN H 56 -20.42 12.02 10.48
C GLN H 56 -20.65 12.45 9.05
N PHE H 57 -20.81 11.45 8.19
CA PHE H 57 -21.01 11.67 6.78
C PHE H 57 -22.25 12.52 6.54
N GLU H 58 -23.35 12.20 7.21
CA GLU H 58 -24.61 12.92 6.96
C GLU H 58 -24.44 14.41 7.18
N GLN H 59 -23.89 14.79 8.33
CA GLN H 59 -23.67 16.19 8.61
C GLN H 59 -22.76 16.82 7.58
N SER H 60 -21.75 16.08 7.14
CA SER H 60 -20.80 16.65 6.19
C SER H 60 -21.46 16.98 4.85
N LYS H 61 -22.55 16.29 4.51
CA LYS H 61 -23.31 16.66 3.32
C LYS H 61 -24.01 18.00 3.50
N GLN H 62 -24.66 18.19 4.66
CA GLN H 62 -25.27 19.47 5.00
C GLN H 62 -24.23 20.60 4.97
N LEU H 63 -23.04 20.28 5.45
CA LEU H 63 -21.97 21.27 5.59
C LEU H 63 -21.25 21.62 4.29
N THR H 64 -21.59 20.92 3.21
CA THR H 64 -20.91 21.10 1.93
C THR H 64 -21.92 21.28 0.81
N GLU H 65 -23.12 21.64 1.18
CA GLU H 65 -24.17 21.89 0.22
C GLU H 65 -24.47 20.74 -0.74
N ASN H 66 -24.45 19.54 -0.21
CA ASN H 66 -24.51 18.35 -1.00
C ASN H 66 -23.26 17.99 -1.79
N GLY H 67 -22.18 18.72 -1.60
CA GLY H 67 -20.91 18.39 -2.17
C GLY H 67 -20.25 17.08 -1.77
N ALA H 68 -20.36 16.74 -0.50
CA ALA H 68 -19.85 15.49 0.06
C ALA H 68 -20.25 14.24 -0.73
N GLU H 69 -21.46 14.23 -1.26
CA GLU H 69 -21.98 13.07 -1.99
C GLU H 69 -21.19 12.81 -3.27
N SER H 70 -20.82 13.88 -3.96
CA SER H 70 -20.06 13.79 -5.20
C SER H 70 -18.60 13.43 -4.93
N VAL H 71 -18.06 13.90 -3.82
CA VAL H 71 -16.73 13.48 -3.39
C VAL H 71 -16.73 11.98 -3.04
N LEU H 72 -17.74 11.53 -2.31
CA LEU H 72 -17.92 10.10 -2.06
C LEU H 72 -17.99 9.28 -3.35
N GLN H 73 -18.77 9.76 -4.33
CA GLN H 73 -18.93 9.04 -5.59
C GLN H 73 -17.58 8.83 -6.32
N VAL H 74 -16.68 9.81 -6.20
CA VAL H 74 -15.33 9.69 -6.76
C VAL H 74 -14.54 8.54 -6.13
N PHE H 75 -14.55 8.48 -4.80
CA PHE H 75 -13.90 7.38 -4.09
C PHE H 75 -14.52 6.04 -4.46
N ARG H 76 -15.84 6.06 -4.66
CA ARG H 76 -16.59 4.87 -5.03
C ARG H 76 -16.22 4.39 -6.43
N GLU H 77 -15.95 5.34 -7.33
CA GLU H 77 -15.54 4.99 -8.69
C GLU H 77 -14.09 4.55 -8.76
N ALA H 78 -13.25 5.10 -7.87
CA ALA H 78 -11.86 4.68 -7.80
C ALA H 78 -11.84 3.23 -7.34
N LYS H 79 -12.58 2.95 -6.29
CA LYS H 79 -12.72 1.60 -5.76
C LYS H 79 -13.16 0.65 -6.87
N ALA H 80 -14.19 1.05 -7.63
CA ALA H 80 -14.76 0.23 -8.69
C ALA H 80 -13.74 -0.07 -9.81
N GLU H 81 -12.85 0.89 -10.08
CA GLU H 81 -11.81 0.71 -11.08
C GLU H 81 -10.67 -0.18 -10.58
N GLY H 82 -10.67 -0.53 -9.30
CA GLY H 82 -9.66 -1.43 -8.77
C GLY H 82 -8.71 -0.85 -7.73
N CYS H 83 -8.99 0.35 -7.25
CA CYS H 83 -8.21 0.89 -6.13
C CYS H 83 -8.61 0.19 -4.83
N ASP H 84 -7.63 -0.36 -4.12
CA ASP H 84 -7.90 -1.04 -2.85
C ASP H 84 -8.29 -0.02 -1.76
N ILE H 85 -9.55 0.39 -1.81
CA ILE H 85 -10.08 1.41 -0.92
C ILE H 85 -11.19 0.81 -0.07
N THR H 86 -11.02 0.89 1.24
CA THR H 86 -12.09 0.59 2.17
C THR H 86 -12.74 1.91 2.56
N ILE H 87 -14.03 2.04 2.27
CA ILE H 87 -14.72 3.26 2.62
C ILE H 87 -15.57 3.04 3.87
N ILE H 88 -15.34 3.85 4.88
CA ILE H 88 -16.14 3.81 6.10
C ILE H 88 -16.98 5.07 6.20
N LEU H 89 -18.28 4.92 6.02
CA LEU H 89 -19.20 6.04 6.20
C LEU H 89 -19.77 5.96 7.61
N SER H 90 -19.23 6.79 8.49
CA SER H 90 -19.63 6.77 9.88
C SER H 90 -20.36 8.05 10.25
#